data_7NS7
#
_entry.id   7NS7
#
_cell.length_a   90.590
_cell.length_b   90.590
_cell.length_c   140.858
_cell.angle_alpha   90.000
_cell.angle_beta   90.000
_cell.angle_gamma   90.000
#
_symmetry.space_group_name_H-M   'P 41'
#
loop_
_entity.id
_entity.type
_entity.pdbx_description
1 polymer 'L-alanine:glyoxylate aminotransferase'
2 water water
#
_entity_poly.entity_id   1
_entity_poly.type   'polypeptide(L)'
_entity_poly.pdbx_seq_one_letter_code
;MASHKLLVTPLKALLKPLSIPNQLLLGPGPSNLPPRIMAAGGLQMIGSMSKDMYQIMDEIKEGIQYVFQTRNPLTLVISG
SGHCALEAALVNVLEPGDSFLVGANGIWGQRAVDIGERIGARVHPMTKDPGGHYTLQEVEEGLAQHKPVLLFLTHGESST
GVLQPLDGFGELCHRYKCLLLVDSVASLGGTPLYMDRQGIDILYSGSQ(LLP)ALNAPPGTSLISFSDKAKKKMYSRKTK
PFSFYLDIKWLANFWGCDDQPRMYHHTIPVISLYSLRESLALIAEQGLENSWRQHREAAAYLHGRLQALGLQLFVKDPAL
RLPTVTTVAVPAGYDWRDIVSYVMDHFDIEIMGGLGPSTGKVLRIGLLGCNATRENVDRVTEALRAALQHCPKKKL
;
_entity_poly.pdbx_strand_id   A,B
#
# COMPACT_ATOMS: atom_id res chain seq x y z
N LEU A 11 9.49 -21.53 12.95
CA LEU A 11 9.94 -20.20 12.44
C LEU A 11 11.45 -20.22 12.21
N LYS A 12 12.01 -21.36 11.79
CA LYS A 12 13.48 -21.43 11.54
C LYS A 12 13.83 -20.41 10.46
N ALA A 13 13.09 -20.47 9.34
CA ALA A 13 13.24 -19.54 8.19
C ALA A 13 13.23 -18.09 8.67
N LEU A 14 12.22 -17.67 9.44
CA LEU A 14 12.06 -16.23 9.80
C LEU A 14 13.31 -15.71 10.50
N LEU A 15 14.04 -16.57 11.21
CA LEU A 15 15.10 -16.13 12.17
C LEU A 15 16.46 -16.11 11.49
N LYS A 16 16.58 -16.68 10.30
CA LYS A 16 17.73 -16.36 9.44
C LYS A 16 17.61 -14.88 9.12
N PRO A 17 18.75 -14.20 8.86
CA PRO A 17 18.70 -12.81 8.44
C PRO A 17 18.22 -12.67 6.99
N LEU A 18 17.60 -11.53 6.67
CA LEU A 18 17.11 -11.27 5.29
C LEU A 18 18.31 -11.15 4.34
N SER A 19 18.24 -11.90 3.26
CA SER A 19 19.20 -11.93 2.15
C SER A 19 18.37 -11.76 0.87
N ILE A 20 18.57 -10.67 0.16
CA ILE A 20 17.85 -10.46 -1.12
C ILE A 20 18.86 -10.71 -2.23
N PRO A 21 18.48 -11.46 -3.29
CA PRO A 21 19.41 -11.68 -4.39
C PRO A 21 19.67 -10.36 -5.14
N ASN A 22 20.80 -10.34 -5.84
CA ASN A 22 21.10 -9.30 -6.85
C ASN A 22 20.35 -9.73 -8.10
N GLN A 23 19.40 -8.92 -8.55
CA GLN A 23 18.62 -9.16 -9.78
C GLN A 23 18.53 -7.85 -10.58
N LEU A 24 18.82 -7.93 -11.89
CA LEU A 24 18.54 -6.87 -12.88
C LEU A 24 17.18 -7.15 -13.52
N LEU A 25 16.19 -6.33 -13.19
CA LEU A 25 14.76 -6.57 -13.57
C LEU A 25 14.42 -5.83 -14.84
N LEU A 26 14.08 -6.57 -15.89
CA LEU A 26 13.86 -6.00 -17.25
C LEU A 26 12.62 -6.62 -17.86
N GLY A 27 11.63 -6.93 -17.06
CA GLY A 27 10.27 -7.24 -17.52
C GLY A 27 9.49 -5.95 -17.47
N PRO A 28 8.17 -6.06 -17.74
CA PRO A 28 7.25 -4.93 -17.76
C PRO A 28 7.04 -4.09 -16.50
N GLY A 29 7.85 -4.36 -15.47
CA GLY A 29 7.73 -3.68 -14.18
C GLY A 29 7.40 -4.72 -13.14
N PRO A 30 7.84 -4.55 -11.89
CA PRO A 30 8.64 -3.39 -11.47
C PRO A 30 10.14 -3.41 -11.83
N SER A 31 10.82 -2.26 -11.71
CA SER A 31 12.27 -2.10 -12.02
C SER A 31 13.07 -1.86 -10.75
N ASN A 32 14.37 -2.11 -10.90
CA ASN A 32 15.39 -1.75 -9.90
C ASN A 32 15.30 -0.26 -9.58
N LEU A 33 15.66 0.09 -8.35
CA LEU A 33 15.55 1.43 -7.77
C LEU A 33 16.87 2.17 -7.83
N PRO A 34 16.78 3.51 -7.93
CA PRO A 34 17.98 4.33 -7.97
C PRO A 34 18.51 4.63 -6.59
N PRO A 35 19.74 5.18 -6.47
CA PRO A 35 20.29 5.50 -5.17
C PRO A 35 19.32 6.38 -4.36
N ARG A 36 18.66 7.33 -5.00
CA ARG A 36 17.80 8.33 -4.32
C ARG A 36 16.58 7.62 -3.72
N ILE A 37 16.02 6.65 -4.41
CA ILE A 37 14.76 5.99 -3.97
C ILE A 37 15.10 4.93 -2.91
N MET A 38 16.29 4.34 -2.96
CA MET A 38 16.79 3.49 -1.84
C MET A 38 17.07 4.34 -0.60
N ALA A 39 17.61 5.55 -0.76
CA ALA A 39 17.85 6.44 0.38
C ALA A 39 16.53 6.98 0.92
N ALA A 40 15.56 7.23 0.05
CA ALA A 40 14.23 7.74 0.46
C ALA A 40 13.47 6.66 1.23
N GLY A 41 13.60 5.40 0.84
CA GLY A 41 12.85 4.30 1.48
C GLY A 41 13.36 4.02 2.87
N GLY A 42 14.60 4.42 3.15
CA GLY A 42 15.30 4.06 4.40
C GLY A 42 15.16 5.08 5.51
N LEU A 43 14.30 6.09 5.39
CA LEU A 43 14.29 7.20 6.36
C LEU A 43 13.38 6.85 7.56
N GLN A 44 13.47 7.66 8.60
CA GLN A 44 12.72 7.50 9.87
C GLN A 44 11.29 8.03 9.71
N MET A 45 10.41 7.47 10.52
CA MET A 45 8.97 7.77 10.57
C MET A 45 8.70 9.20 11.05
N ILE A 46 7.54 9.71 10.70
CA ILE A 46 7.05 11.06 11.10
C ILE A 46 5.54 10.91 11.28
N GLY A 47 4.93 11.91 11.89
CA GLY A 47 3.47 11.84 12.12
C GLY A 47 2.73 11.81 10.79
N SER A 48 1.88 10.80 10.61
CA SER A 48 1.16 10.54 9.34
C SER A 48 0.11 11.62 9.13
N MET A 49 0.05 12.58 10.04
CA MET A 49 -0.80 13.78 9.85
C MET A 49 -0.14 15.02 10.43
N SER A 50 1.21 15.05 10.46
CA SER A 50 2.01 16.26 10.78
C SER A 50 1.97 17.25 9.62
N LYS A 51 2.42 18.49 9.88
CA LYS A 51 2.55 19.60 8.87
C LYS A 51 3.46 19.18 7.74
N ASP A 52 4.53 18.43 8.07
CA ASP A 52 5.56 18.01 7.09
C ASP A 52 5.00 16.89 6.21
N MET A 53 4.18 16.01 6.79
CA MET A 53 3.55 14.90 6.01
C MET A 53 2.67 15.54 4.93
N TYR A 54 1.87 16.54 5.33
CA TYR A 54 0.99 17.31 4.41
C TYR A 54 1.85 17.95 3.31
N GLN A 55 3.01 18.44 3.69
CA GLN A 55 3.92 19.15 2.76
C GLN A 55 4.45 18.15 1.71
N ILE A 56 4.98 17.01 2.15
CA ILE A 56 5.42 15.93 1.21
C ILE A 56 4.22 15.53 0.35
N MET A 57 3.02 15.49 0.92
CA MET A 57 1.82 15.12 0.12
C MET A 57 1.54 16.18 -0.92
N ASP A 58 1.73 17.47 -0.58
CA ASP A 58 1.41 18.61 -1.50
C ASP A 58 2.43 18.66 -2.63
N GLU A 59 3.65 18.25 -2.32
CA GLU A 59 4.74 18.15 -3.31
C GLU A 59 4.47 16.97 -4.24
N ILE A 60 4.01 15.87 -3.72
CA ILE A 60 3.61 14.73 -4.60
C ILE A 60 2.45 15.16 -5.49
N LYS A 61 1.51 15.96 -5.00
CA LYS A 61 0.41 16.44 -5.87
C LYS A 61 0.96 17.28 -7.03
N GLU A 62 1.80 18.27 -6.75
CA GLU A 62 2.43 19.06 -7.84
C GLU A 62 3.10 18.11 -8.84
N GLY A 63 3.76 17.05 -8.37
CA GLY A 63 4.41 16.08 -9.27
C GLY A 63 3.40 15.31 -10.12
N ILE A 64 2.26 14.96 -9.54
CA ILE A 64 1.17 14.23 -10.27
C ILE A 64 0.64 15.17 -11.35
N GLN A 65 0.54 16.47 -11.05
CA GLN A 65 0.11 17.52 -12.02
C GLN A 65 1.14 17.66 -13.14
N TYR A 66 2.43 17.85 -12.82
CA TYR A 66 3.49 17.96 -13.85
C TYR A 66 3.47 16.73 -14.78
N VAL A 67 3.53 15.51 -14.25
CA VAL A 67 3.71 14.28 -15.08
C VAL A 67 2.37 13.89 -15.74
N PHE A 68 1.25 14.32 -15.22
CA PHE A 68 -0.04 14.11 -15.92
C PHE A 68 -0.24 15.16 -17.01
N GLN A 69 0.39 16.31 -16.88
CA GLN A 69 0.03 17.52 -17.66
C GLN A 69 -1.45 17.83 -17.38
N THR A 70 -1.76 18.15 -16.14
CA THR A 70 -3.10 18.62 -15.73
C THR A 70 -2.94 19.81 -14.82
N ARG A 71 -4.07 20.43 -14.44
CA ARG A 71 -4.15 21.37 -13.30
C ARG A 71 -5.35 21.04 -12.42
N ASN A 72 -6.06 19.95 -12.70
CA ASN A 72 -7.15 19.42 -11.86
C ASN A 72 -6.77 19.47 -10.38
N PRO A 73 -7.54 20.23 -9.57
CA PRO A 73 -7.35 20.22 -8.12
C PRO A 73 -7.61 18.83 -7.51
N LEU A 74 -8.50 18.05 -8.12
CA LEU A 74 -8.82 16.69 -7.63
C LEU A 74 -7.83 15.69 -8.21
N THR A 75 -6.62 15.68 -7.65
CA THR A 75 -5.55 14.72 -7.98
C THR A 75 -4.88 14.23 -6.68
N LEU A 76 -4.63 12.94 -6.57
CA LEU A 76 -3.95 12.41 -5.37
C LEU A 76 -3.35 11.02 -5.60
N VAL A 77 -2.57 10.56 -4.64
CA VAL A 77 -1.95 9.22 -4.64
C VAL A 77 -3.01 8.31 -4.02
N ILE A 78 -3.07 7.11 -4.54
CA ILE A 78 -3.93 6.01 -4.05
C ILE A 78 -3.03 5.04 -3.30
N SER A 79 -3.42 4.69 -2.08
CA SER A 79 -2.70 3.75 -1.19
C SER A 79 -2.87 2.30 -1.64
N GLY A 80 -2.48 2.02 -2.87
CA GLY A 80 -2.66 0.68 -3.48
C GLY A 80 -2.03 0.63 -4.86
N SER A 81 -1.93 -0.56 -5.43
CA SER A 81 -1.27 -0.77 -6.74
C SER A 81 -2.10 -0.27 -7.92
N GLY A 82 -1.60 -0.59 -9.11
CA GLY A 82 -2.31 -0.17 -10.33
C GLY A 82 -3.75 -0.63 -10.27
N HIS A 83 -3.97 -1.90 -9.95
CA HIS A 83 -5.34 -2.39 -9.79
C HIS A 83 -6.18 -1.46 -8.89
N CYS A 84 -5.56 -0.85 -7.87
CA CYS A 84 -6.32 -0.16 -6.80
C CYS A 84 -6.78 1.19 -7.34
N ALA A 85 -5.95 1.86 -8.13
CA ALA A 85 -6.32 3.14 -8.77
C ALA A 85 -7.41 2.89 -9.78
N LEU A 86 -7.27 1.82 -10.57
CA LEU A 86 -8.30 1.48 -11.56
C LEU A 86 -9.62 1.24 -10.81
N GLU A 87 -9.57 0.40 -9.76
CA GLU A 87 -10.78 0.00 -9.01
C GLU A 87 -11.38 1.23 -8.37
N ALA A 88 -10.56 2.12 -7.82
CA ALA A 88 -11.02 3.33 -7.11
C ALA A 88 -11.77 4.28 -8.07
N ALA A 89 -11.15 4.66 -9.19
CA ALA A 89 -11.81 5.46 -10.25
C ALA A 89 -13.15 4.82 -10.60
N LEU A 90 -13.11 3.53 -10.95
CA LEU A 90 -14.31 2.77 -11.38
C LEU A 90 -15.39 2.82 -10.30
N VAL A 91 -15.07 2.59 -9.02
CA VAL A 91 -16.15 2.54 -7.98
C VAL A 91 -16.69 3.95 -7.76
N ASN A 92 -15.89 5.00 -7.88
CA ASN A 92 -16.30 6.37 -7.47
C ASN A 92 -17.13 7.02 -8.57
N VAL A 93 -16.84 6.75 -9.85
CA VAL A 93 -17.52 7.44 -11.00
C VAL A 93 -18.66 6.60 -11.58
N LEU A 94 -18.77 5.31 -11.29
CA LEU A 94 -19.88 4.47 -11.80
C LEU A 94 -21.02 4.39 -10.77
N GLU A 95 -22.24 4.68 -11.23
CA GLU A 95 -23.49 4.54 -10.46
C GLU A 95 -24.31 3.49 -11.20
N PRO A 96 -24.35 2.22 -10.74
CA PRO A 96 -24.74 1.09 -11.59
C PRO A 96 -26.13 1.24 -12.22
N GLY A 103 -13.29 0.04 -23.41
CA GLY A 103 -13.24 -1.02 -24.45
C GLY A 103 -11.98 -1.89 -24.38
N ALA A 104 -12.18 -3.20 -24.65
CA ALA A 104 -11.26 -4.33 -24.39
C ALA A 104 -10.10 -4.40 -25.39
N ASN A 105 -8.89 -4.45 -24.87
CA ASN A 105 -7.64 -4.32 -25.66
C ASN A 105 -6.77 -5.55 -25.43
N GLY A 106 -6.24 -5.74 -24.22
CA GLY A 106 -5.35 -6.85 -23.84
C GLY A 106 -5.74 -7.47 -22.51
N ILE A 107 -5.01 -7.18 -21.43
CA ILE A 107 -5.34 -7.71 -20.06
C ILE A 107 -6.13 -6.63 -19.31
N TRP A 108 -5.80 -5.37 -19.53
CA TRP A 108 -6.28 -4.28 -18.65
C TRP A 108 -7.75 -4.01 -18.95
N GLY A 109 -8.15 -4.25 -20.21
CA GLY A 109 -9.58 -4.25 -20.53
C GLY A 109 -10.31 -5.28 -19.69
N GLN A 110 -9.77 -6.49 -19.60
CA GLN A 110 -10.44 -7.61 -18.90
C GLN A 110 -10.60 -7.23 -17.43
N ARG A 111 -9.59 -6.57 -16.87
CA ARG A 111 -9.66 -6.08 -15.47
C ARG A 111 -10.79 -5.04 -15.37
N ALA A 112 -10.91 -4.13 -16.35
CA ALA A 112 -11.96 -3.07 -16.28
C ALA A 112 -13.34 -3.71 -16.36
N VAL A 113 -13.51 -4.73 -17.21
CA VAL A 113 -14.85 -5.39 -17.39
C VAL A 113 -15.15 -6.24 -16.15
N ASP A 114 -14.12 -6.85 -15.55
CA ASP A 114 -14.26 -7.63 -14.29
C ASP A 114 -14.74 -6.74 -13.14
N ILE A 115 -14.14 -5.56 -12.97
CA ILE A 115 -14.56 -4.60 -11.90
C ILE A 115 -15.96 -4.08 -12.24
N GLY A 116 -16.17 -3.62 -13.47
CA GLY A 116 -17.49 -3.13 -13.93
C GLY A 116 -18.59 -4.13 -13.58
N GLU A 117 -18.38 -5.40 -13.92
CA GLU A 117 -19.32 -6.51 -13.62
C GLU A 117 -19.48 -6.63 -12.11
N ARG A 118 -18.38 -6.55 -11.37
CA ARG A 118 -18.38 -6.68 -9.88
C ARG A 118 -19.42 -5.72 -9.29
N ILE A 119 -19.44 -4.46 -9.71
CA ILE A 119 -20.51 -3.49 -9.35
C ILE A 119 -21.85 -3.77 -10.05
N GLY A 120 -21.84 -3.70 -11.37
CA GLY A 120 -22.97 -4.01 -12.28
C GLY A 120 -22.71 -3.53 -13.70
N LYS A 147 -24.10 4.49 -25.90
CA LYS A 147 -23.89 5.90 -25.46
C LYS A 147 -23.57 5.90 -23.96
N PRO A 148 -22.40 5.35 -23.57
CA PRO A 148 -22.09 5.16 -22.16
C PRO A 148 -21.69 6.46 -21.46
N VAL A 149 -21.71 6.42 -20.12
CA VAL A 149 -21.41 7.58 -19.24
C VAL A 149 -19.89 7.82 -19.22
N LEU A 150 -19.11 6.74 -19.36
CA LEU A 150 -17.63 6.77 -19.27
C LEU A 150 -17.05 5.62 -20.10
N LEU A 151 -15.87 5.86 -20.69
CA LEU A 151 -15.11 4.79 -21.37
C LEU A 151 -13.67 4.77 -20.81
N PHE A 152 -13.18 3.56 -20.66
CA PHE A 152 -11.79 3.29 -20.23
C PHE A 152 -10.96 2.87 -21.43
N LEU A 153 -9.79 3.48 -21.61
CA LEU A 153 -8.79 3.15 -22.65
C LEU A 153 -7.42 3.02 -21.99
N THR A 154 -6.66 2.04 -22.46
CA THR A 154 -5.29 1.81 -22.00
C THR A 154 -4.37 2.56 -22.94
N HIS A 155 -3.54 3.46 -22.42
CA HIS A 155 -2.50 4.11 -23.23
C HIS A 155 -1.39 3.14 -23.61
N GLY A 156 -0.62 2.68 -22.65
CA GLY A 156 0.37 1.61 -22.86
C GLY A 156 -0.20 0.28 -22.42
N GLU A 157 -0.68 -0.52 -23.35
CA GLU A 157 -1.15 -1.87 -22.99
C GLU A 157 0.09 -2.75 -22.82
N SER A 158 0.53 -2.92 -21.55
CA SER A 158 1.74 -3.67 -21.14
C SER A 158 1.64 -5.14 -21.50
N SER A 159 0.43 -5.67 -21.70
CA SER A 159 0.26 -7.11 -22.04
C SER A 159 0.46 -7.32 -23.54
N THR A 160 0.42 -6.26 -24.37
CA THR A 160 0.59 -6.44 -25.84
C THR A 160 1.76 -5.60 -26.36
N GLY A 161 2.09 -4.51 -25.69
CA GLY A 161 3.20 -3.63 -26.11
C GLY A 161 2.73 -2.54 -27.04
N VAL A 162 1.42 -2.44 -27.15
CA VAL A 162 0.82 -1.44 -28.05
C VAL A 162 0.68 -0.12 -27.29
N LEU A 163 1.28 0.91 -27.86
CA LEU A 163 1.03 2.30 -27.45
C LEU A 163 -0.27 2.65 -28.18
N GLN A 164 -1.03 3.58 -27.68
CA GLN A 164 -2.26 3.87 -28.45
C GLN A 164 -2.42 5.39 -28.50
N PRO A 165 -2.87 6.01 -29.61
CA PRO A 165 -3.04 7.49 -29.65
C PRO A 165 -4.20 7.98 -28.77
N LEU A 166 -4.05 9.14 -28.07
CA LEU A 166 -5.08 9.73 -27.17
C LEU A 166 -5.38 11.16 -27.62
N ASP A 167 -4.74 11.62 -28.71
CA ASP A 167 -4.96 12.98 -29.25
C ASP A 167 -6.43 13.15 -29.66
N GLY A 168 -6.88 12.31 -30.61
CA GLY A 168 -8.28 12.36 -31.09
C GLY A 168 -9.28 12.32 -29.95
N PHE A 169 -9.30 11.21 -29.20
CA PHE A 169 -10.23 11.03 -28.06
C PHE A 169 -9.95 12.10 -27.00
N CYS A 178 -19.79 11.85 -22.66
CA CYS A 178 -19.02 10.67 -22.17
C CYS A 178 -17.73 11.14 -21.48
N LEU A 179 -17.37 10.51 -20.35
CA LEU A 179 -16.11 10.81 -19.64
C LEU A 179 -15.02 9.92 -20.22
N LEU A 180 -13.77 10.40 -20.20
CA LEU A 180 -12.59 9.65 -20.72
C LEU A 180 -11.70 9.18 -19.56
N LEU A 181 -11.44 7.88 -19.50
CA LEU A 181 -10.58 7.24 -18.46
C LEU A 181 -9.36 6.60 -19.15
N VAL A 182 -8.16 7.04 -18.79
CA VAL A 182 -6.92 6.55 -19.46
C VAL A 182 -5.99 5.93 -18.42
N ASP A 183 -5.60 4.68 -18.69
CA ASP A 183 -4.60 3.92 -17.89
C ASP A 183 -3.20 4.22 -18.43
N SER A 184 -2.42 5.05 -17.74
CA SER A 184 -1.04 5.40 -18.13
C SER A 184 -0.03 4.76 -17.18
N VAL A 185 -0.27 3.55 -16.70
CA VAL A 185 0.61 2.93 -15.68
C VAL A 185 2.00 2.67 -16.31
N ALA A 186 2.02 2.18 -17.55
CA ALA A 186 3.27 1.84 -18.27
C ALA A 186 3.76 3.01 -19.13
N SER A 187 2.87 3.81 -19.72
CA SER A 187 3.22 4.91 -20.65
C SER A 187 3.86 6.09 -19.90
N LEU A 188 3.29 6.49 -18.76
CA LEU A 188 3.62 7.75 -18.07
C LEU A 188 5.13 7.86 -17.98
N GLY A 189 5.69 9.01 -18.37
CA GLY A 189 7.12 9.30 -18.32
C GLY A 189 7.89 8.73 -19.50
N GLY A 190 7.32 7.81 -20.28
CA GLY A 190 8.04 7.14 -21.39
C GLY A 190 7.48 7.43 -22.80
N THR A 191 6.32 8.06 -22.94
CA THR A 191 5.75 8.40 -24.25
C THR A 191 4.78 9.55 -24.06
N PRO A 192 4.67 10.48 -25.02
CA PRO A 192 3.86 11.68 -24.83
C PRO A 192 2.45 11.43 -24.29
N LEU A 193 2.05 12.30 -23.35
CA LEU A 193 0.76 12.28 -22.64
C LEU A 193 0.56 13.67 -21.99
N TYR A 194 -0.61 14.24 -22.26
CA TYR A 194 -1.02 15.60 -21.83
C TYR A 194 -2.50 15.50 -21.44
N MET A 195 -2.79 15.30 -20.14
CA MET A 195 -4.15 14.99 -19.63
C MET A 195 -5.17 16.07 -20.02
N ASP A 196 -4.81 17.33 -19.87
CA ASP A 196 -5.74 18.45 -20.13
C ASP A 196 -5.85 18.69 -21.65
N ARG A 197 -4.72 18.97 -22.31
CA ARG A 197 -4.65 19.21 -23.78
C ARG A 197 -5.39 18.09 -24.52
N GLN A 198 -5.34 16.84 -24.02
CA GLN A 198 -6.02 15.68 -24.65
C GLN A 198 -7.38 15.45 -24.01
N GLY A 199 -7.81 16.35 -23.12
CA GLY A 199 -9.17 16.31 -22.56
C GLY A 199 -9.47 14.95 -21.96
N ILE A 200 -8.63 14.46 -21.05
CA ILE A 200 -8.90 13.19 -20.32
C ILE A 200 -9.57 13.53 -18.98
N ASP A 201 -10.58 12.74 -18.62
CA ASP A 201 -11.45 12.97 -17.44
C ASP A 201 -10.87 12.31 -16.18
N ILE A 202 -10.47 11.04 -16.28
CA ILE A 202 -9.79 10.29 -15.18
C ILE A 202 -8.48 9.69 -15.71
N LEU A 203 -7.35 10.17 -15.23
CA LEU A 203 -6.05 9.59 -15.62
C LEU A 203 -5.44 8.94 -14.37
N TYR A 204 -4.96 7.71 -14.52
CA TYR A 204 -4.19 7.09 -13.41
C TYR A 204 -2.94 6.43 -13.95
N SER A 205 -1.99 6.25 -13.05
CA SER A 205 -0.77 5.46 -13.32
C SER A 205 -0.39 4.71 -12.06
N GLY A 206 0.67 3.91 -12.17
CA GLY A 206 1.26 3.10 -11.12
C GLY A 206 2.63 3.66 -10.86
N SER A 207 3.18 3.34 -9.71
CA SER A 207 4.43 3.88 -9.15
C SER A 207 5.62 3.02 -9.67
N GLN A 208 5.42 1.75 -10.02
CA GLN A 208 6.57 0.81 -10.08
C GLN A 208 7.09 0.61 -11.50
N1 LLP A 209 -2.03 -1.41 -15.93
C2 LLP A 209 -0.88 -1.30 -16.60
C2' LLP A 209 -0.85 -0.58 -17.90
C3 LLP A 209 0.31 -1.92 -16.10
O3 LLP A 209 1.48 -1.82 -16.79
C4 LLP A 209 0.30 -2.60 -14.88
C4' LLP A 209 1.59 -3.17 -14.43
C5 LLP A 209 -0.92 -2.64 -14.16
C6 LLP A 209 -2.04 -2.06 -14.74
C5' LLP A 209 -1.07 -3.39 -12.88
OP4 LLP A 209 -0.51 -2.70 -11.73
P LLP A 209 -0.46 -3.55 -10.38
OP1 LLP A 209 0.09 -2.55 -9.36
OP2 LLP A 209 -1.86 -3.98 -10.11
OP3 LLP A 209 0.37 -4.83 -10.54
N LLP A 209 6.64 1.42 -12.44
CA LLP A 209 7.12 1.37 -13.83
CB LLP A 209 5.89 1.22 -14.73
CG LLP A 209 5.47 -0.24 -14.88
CD LLP A 209 3.99 -0.55 -14.62
CE LLP A 209 3.67 -1.95 -14.04
NZ LLP A 209 2.73 -2.72 -14.88
C LLP A 209 8.10 2.54 -13.98
O LLP A 209 9.02 2.61 -13.14
N ALA A 210 7.98 3.38 -15.01
CA ALA A 210 9.04 4.36 -15.37
C ALA A 210 9.38 5.31 -14.23
N LEU A 211 8.47 5.51 -13.27
CA LEU A 211 8.75 6.42 -12.13
C LEU A 211 9.82 5.80 -11.23
N ASN A 212 9.97 4.47 -11.30
CA ASN A 212 10.99 3.66 -10.61
C ASN A 212 10.77 3.73 -9.10
N ALA A 213 9.52 3.96 -8.63
CA ALA A 213 9.22 3.95 -7.19
C ALA A 213 8.86 2.51 -6.85
N PRO A 214 8.88 2.16 -5.56
CA PRO A 214 8.50 0.83 -5.16
C PRO A 214 7.04 0.61 -5.45
N PRO A 215 6.63 -0.64 -5.67
CA PRO A 215 5.21 -0.90 -5.94
C PRO A 215 4.33 -0.77 -4.71
N GLY A 216 3.11 -0.26 -4.91
CA GLY A 216 2.12 -0.12 -3.83
C GLY A 216 1.40 1.21 -3.82
N THR A 217 1.88 2.19 -4.57
CA THR A 217 1.13 3.46 -4.67
C THR A 217 0.60 3.61 -6.10
N SER A 218 -0.39 4.48 -6.24
CA SER A 218 -1.08 4.81 -7.49
C SER A 218 -1.13 6.33 -7.63
N LEU A 219 -1.28 6.82 -8.85
CA LEU A 219 -1.49 8.27 -9.08
C LEU A 219 -2.83 8.41 -9.78
N ILE A 220 -3.62 9.42 -9.40
CA ILE A 220 -4.96 9.61 -10.02
C ILE A 220 -5.25 11.10 -10.10
N SER A 221 -5.97 11.47 -11.17
CA SER A 221 -6.37 12.88 -11.45
C SER A 221 -7.74 12.86 -12.13
N PHE A 222 -8.59 13.81 -11.73
CA PHE A 222 -9.99 13.92 -12.21
C PHE A 222 -10.26 15.31 -12.76
N SER A 223 -10.78 15.35 -13.99
CA SER A 223 -11.32 16.58 -14.61
C SER A 223 -12.51 17.11 -13.81
N ASP A 224 -12.81 18.41 -13.95
CA ASP A 224 -13.94 19.06 -13.22
C ASP A 224 -15.22 18.28 -13.55
N LYS A 225 -15.32 17.71 -14.75
CA LYS A 225 -16.47 16.91 -15.21
C LYS A 225 -16.63 15.65 -14.35
N ALA A 226 -15.58 14.84 -14.19
CA ALA A 226 -15.62 13.63 -13.30
C ALA A 226 -15.88 14.07 -11.85
N LYS A 227 -15.34 15.22 -11.46
CA LYS A 227 -15.51 15.77 -10.10
C LYS A 227 -17.00 16.05 -9.85
N LYS A 228 -17.70 16.62 -10.82
CA LYS A 228 -19.15 16.92 -10.72
C LYS A 228 -19.93 15.59 -10.69
N LYS A 229 -19.59 14.67 -11.59
CA LYS A 229 -20.24 13.32 -11.60
C LYS A 229 -20.14 12.68 -10.20
N MET A 230 -18.96 12.70 -9.59
CA MET A 230 -18.66 12.01 -8.29
C MET A 230 -19.19 12.79 -7.07
N TYR A 231 -19.27 14.12 -7.10
CA TYR A 231 -19.84 14.90 -5.95
C TYR A 231 -21.37 15.11 -6.11
N SER A 232 -22.00 14.48 -7.11
CA SER A 232 -23.48 14.52 -7.29
C SER A 232 -24.02 13.08 -7.43
N ARG A 233 -23.51 12.13 -6.64
CA ARG A 233 -23.96 10.73 -6.74
C ARG A 233 -25.17 10.54 -5.83
N LYS A 234 -26.21 9.90 -6.33
CA LYS A 234 -27.37 9.52 -5.48
C LYS A 234 -26.89 8.42 -4.51
N THR A 235 -26.16 7.43 -5.02
CA THR A 235 -25.68 6.24 -4.25
C THR A 235 -24.23 6.45 -3.81
N LYS A 236 -23.90 5.94 -2.63
CA LYS A 236 -22.51 5.97 -2.11
C LYS A 236 -21.72 4.87 -2.81
N PRO A 237 -20.41 5.12 -3.09
CA PRO A 237 -19.53 4.08 -3.61
C PRO A 237 -19.48 2.85 -2.69
N PHE A 238 -19.28 1.68 -3.27
CA PHE A 238 -19.19 0.42 -2.51
C PHE A 238 -17.91 0.34 -1.68
N SER A 239 -16.93 1.25 -1.91
CA SER A 239 -15.66 1.31 -1.15
C SER A 239 -15.56 2.58 -0.29
N PHE A 240 -15.17 2.41 0.97
CA PHE A 240 -14.78 3.49 1.91
C PHE A 240 -13.29 3.75 1.77
N TYR A 241 -12.51 2.67 1.67
CA TYR A 241 -11.03 2.74 1.52
C TYR A 241 -10.68 3.60 0.29
N LEU A 242 -11.56 3.62 -0.71
CA LEU A 242 -11.34 4.32 -1.99
C LEU A 242 -12.41 5.39 -2.24
N ASP A 243 -13.07 5.85 -1.17
CA ASP A 243 -14.12 6.88 -1.32
C ASP A 243 -13.42 8.18 -1.66
N ILE A 244 -13.87 8.86 -2.72
CA ILE A 244 -13.10 9.99 -3.30
C ILE A 244 -13.32 11.24 -2.48
N LYS A 245 -14.46 11.41 -1.81
CA LYS A 245 -14.69 12.68 -1.09
C LYS A 245 -13.78 12.69 0.12
N TRP A 246 -13.60 11.51 0.73
CA TRP A 246 -12.75 11.32 1.94
C TRP A 246 -11.31 11.56 1.49
N LEU A 247 -10.85 10.74 0.53
CA LEU A 247 -9.45 10.76 0.03
C LEU A 247 -9.11 12.13 -0.51
N ALA A 248 -10.07 12.81 -1.16
CA ALA A 248 -9.89 14.18 -1.70
C ALA A 248 -9.70 15.14 -0.54
N ASN A 249 -10.52 15.02 0.47
CA ASN A 249 -10.31 15.82 1.70
C ASN A 249 -8.89 15.61 2.21
N PHE A 250 -8.48 14.37 2.42
CA PHE A 250 -7.21 14.13 3.11
C PHE A 250 -6.01 14.67 2.33
N TRP A 251 -6.06 14.50 1.01
CA TRP A 251 -5.02 15.05 0.08
C TRP A 251 -5.18 16.55 -0.18
N GLY A 252 -6.09 17.25 0.52
CA GLY A 252 -6.15 18.73 0.49
C GLY A 252 -6.82 19.23 -0.77
N CYS A 253 -7.74 18.43 -1.31
CA CYS A 253 -8.39 18.64 -2.62
C CYS A 253 -9.77 19.27 -2.44
N ASP A 254 -10.23 19.48 -1.20
CA ASP A 254 -11.54 20.17 -0.97
C ASP A 254 -11.34 21.31 0.02
N ASP A 255 -12.41 21.95 0.41
CA ASP A 255 -12.39 23.21 1.18
C ASP A 255 -12.22 22.92 2.66
N GLN A 256 -12.46 21.68 3.08
CA GLN A 256 -12.53 21.37 4.54
C GLN A 256 -11.16 20.96 5.05
N PRO A 257 -10.80 21.26 6.32
CA PRO A 257 -9.54 20.81 6.90
C PRO A 257 -9.42 19.28 6.85
N ARG A 258 -8.20 18.80 6.68
CA ARG A 258 -7.94 17.35 6.42
C ARG A 258 -8.31 16.53 7.66
N MET A 259 -9.32 15.68 7.51
CA MET A 259 -9.86 14.79 8.55
C MET A 259 -9.27 13.41 8.36
N TYR A 260 -9.17 12.65 9.44
CA TYR A 260 -8.57 11.29 9.39
C TYR A 260 -9.40 10.35 8.53
N HIS A 261 -8.79 9.74 7.53
CA HIS A 261 -9.47 8.72 6.70
C HIS A 261 -8.82 7.35 6.90
N HIS A 262 -7.61 7.17 6.36
CA HIS A 262 -6.78 5.95 6.49
C HIS A 262 -5.35 6.44 6.67
N THR A 263 -4.46 5.54 7.10
CA THR A 263 -3.04 5.90 7.32
C THR A 263 -2.35 5.85 5.96
N ILE A 264 -1.87 7.00 5.49
CA ILE A 264 -1.17 7.04 4.16
C ILE A 264 0.15 6.31 4.36
N PRO A 265 0.66 5.63 3.34
CA PRO A 265 1.94 4.94 3.50
C PRO A 265 3.15 5.88 3.48
N VAL A 266 3.46 6.43 4.65
CA VAL A 266 4.41 7.55 4.86
C VAL A 266 5.71 7.34 4.07
N ILE A 267 6.35 6.18 4.25
CA ILE A 267 7.66 5.91 3.59
C ILE A 267 7.48 5.79 2.08
N SER A 268 6.48 5.05 1.62
CA SER A 268 6.05 4.96 0.21
C SER A 268 5.97 6.36 -0.37
N LEU A 269 5.44 7.29 0.42
CA LEU A 269 5.21 8.67 -0.07
C LEU A 269 6.56 9.43 -0.09
N TYR A 270 7.50 9.18 0.83
CA TYR A 270 8.87 9.78 0.70
C TYR A 270 9.46 9.34 -0.64
N SER A 271 9.44 8.03 -0.89
CA SER A 271 10.03 7.42 -2.10
C SER A 271 9.36 7.99 -3.37
N LEU A 272 8.03 8.15 -3.33
CA LEU A 272 7.27 8.62 -4.53
C LEU A 272 7.58 10.08 -4.81
N ARG A 273 7.56 10.92 -3.79
CA ARG A 273 7.97 12.33 -3.94
C ARG A 273 9.32 12.34 -4.65
N GLU A 274 10.25 11.51 -4.23
CA GLU A 274 11.60 11.54 -4.86
C GLU A 274 11.50 11.10 -6.31
N SER A 275 10.74 10.06 -6.62
CA SER A 275 10.60 9.56 -8.01
C SER A 275 10.13 10.70 -8.91
N LEU A 276 9.14 11.47 -8.43
CA LEU A 276 8.64 12.66 -9.15
C LEU A 276 9.67 13.79 -9.18
N ALA A 277 10.43 14.00 -8.11
CA ALA A 277 11.53 15.00 -8.10
C ALA A 277 12.56 14.63 -9.17
N LEU A 278 12.85 13.34 -9.33
CA LEU A 278 13.89 12.87 -10.29
C LEU A 278 13.38 13.16 -11.70
N ILE A 279 12.15 12.74 -11.99
CA ILE A 279 11.61 12.95 -13.36
C ILE A 279 11.50 14.45 -13.67
N ALA A 280 11.17 15.29 -12.69
CA ALA A 280 11.03 16.76 -12.88
C ALA A 280 12.41 17.36 -13.19
N GLU A 281 13.46 16.90 -12.49
CA GLU A 281 14.85 17.38 -12.69
C GLU A 281 15.26 17.08 -14.14
N GLN A 282 15.14 15.82 -14.58
CA GLN A 282 15.50 15.43 -15.98
C GLN A 282 14.66 16.27 -16.96
N GLY A 283 13.35 16.18 -16.86
CA GLY A 283 12.42 16.86 -17.81
C GLY A 283 11.60 15.83 -18.54
N LEU A 284 10.33 16.12 -18.80
CA LEU A 284 9.43 15.13 -19.41
C LEU A 284 9.94 14.77 -20.83
N GLU A 285 10.30 15.79 -21.62
CA GLU A 285 10.64 15.62 -23.06
C GLU A 285 11.98 14.87 -23.18
N ASN A 286 12.98 15.20 -22.36
CA ASN A 286 14.22 14.40 -22.24
C ASN A 286 13.90 12.93 -21.90
N SER A 287 12.89 12.68 -21.05
CA SER A 287 12.58 11.30 -20.60
C SER A 287 11.94 10.57 -21.77
N TRP A 288 10.92 11.17 -22.38
CA TRP A 288 10.22 10.60 -23.54
C TRP A 288 11.25 10.24 -24.60
N ARG A 289 12.19 11.15 -24.87
CA ARG A 289 13.30 10.97 -25.83
C ARG A 289 14.07 9.71 -25.47
N GLN A 290 14.65 9.69 -24.25
CA GLN A 290 15.49 8.57 -23.77
C GLN A 290 14.73 7.26 -23.95
N HIS A 291 13.42 7.24 -23.73
CA HIS A 291 12.55 6.04 -23.84
C HIS A 291 12.41 5.59 -25.30
N ARG A 292 12.14 6.52 -26.21
CA ARG A 292 12.00 6.24 -27.66
C ARG A 292 13.35 5.72 -28.19
N GLU A 293 14.45 6.38 -27.87
CA GLU A 293 15.78 5.98 -28.38
C GLU A 293 16.18 4.61 -27.84
N ALA A 294 15.93 4.36 -26.55
CA ALA A 294 16.29 3.06 -25.94
C ALA A 294 15.42 1.96 -26.57
N ALA A 295 14.15 2.25 -26.88
CA ALA A 295 13.25 1.24 -27.46
C ALA A 295 13.66 0.95 -28.92
N ALA A 296 14.03 1.98 -29.65
CA ALA A 296 14.51 1.79 -31.04
C ALA A 296 15.77 0.91 -31.01
N TYR A 297 16.70 1.22 -30.11
CA TYR A 297 17.97 0.46 -29.95
C TYR A 297 17.64 -1.01 -29.70
N LEU A 298 16.73 -1.27 -28.76
CA LEU A 298 16.34 -2.65 -28.38
C LEU A 298 15.69 -3.35 -29.58
N HIS A 299 14.74 -2.68 -30.24
CA HIS A 299 14.05 -3.20 -31.44
C HIS A 299 15.08 -3.69 -32.47
N GLY A 300 16.09 -2.85 -32.72
CA GLY A 300 17.14 -3.17 -33.70
C GLY A 300 17.93 -4.40 -33.28
N ARG A 301 18.48 -4.39 -32.06
CA ARG A 301 19.24 -5.53 -31.52
C ARG A 301 18.40 -6.81 -31.44
N LEU A 302 17.09 -6.70 -31.25
CA LEU A 302 16.19 -7.88 -31.16
C LEU A 302 16.01 -8.49 -32.56
N GLN A 303 15.67 -7.67 -33.56
CA GLN A 303 15.53 -8.17 -34.97
C GLN A 303 16.86 -8.77 -35.42
N ALA A 304 17.99 -8.17 -35.06
CA ALA A 304 19.33 -8.71 -35.41
C ALA A 304 19.48 -10.20 -35.03
N LEU A 305 18.81 -10.67 -33.99
CA LEU A 305 18.99 -12.07 -33.47
C LEU A 305 18.10 -13.07 -34.21
N GLY A 306 17.15 -12.61 -35.01
CA GLY A 306 16.22 -13.49 -35.76
C GLY A 306 14.86 -13.53 -35.10
N LEU A 307 14.64 -12.61 -34.17
CA LEU A 307 13.32 -12.47 -33.50
C LEU A 307 12.51 -11.35 -34.16
N GLN A 308 11.20 -11.50 -34.11
CA GLN A 308 10.20 -10.67 -34.82
C GLN A 308 9.33 -9.99 -33.78
N LEU A 309 9.37 -8.65 -33.70
CA LEU A 309 8.55 -7.88 -32.73
C LEU A 309 7.08 -8.17 -33.02
N PHE A 310 6.33 -8.53 -31.97
CA PHE A 310 4.90 -8.89 -32.03
C PHE A 310 4.10 -7.70 -32.57
N VAL A 311 4.55 -6.45 -32.34
CA VAL A 311 3.84 -5.23 -32.86
C VAL A 311 4.67 -4.67 -34.02
N LYS A 312 4.12 -4.79 -35.24
CA LYS A 312 4.81 -4.49 -36.52
C LYS A 312 4.89 -2.97 -36.71
N ASP A 313 3.77 -2.25 -36.64
CA ASP A 313 3.81 -0.79 -36.88
C ASP A 313 4.56 -0.15 -35.72
N PRO A 314 5.75 0.44 -35.93
CA PRO A 314 6.52 1.04 -34.83
C PRO A 314 5.87 2.28 -34.20
N ALA A 315 4.91 2.90 -34.88
CA ALA A 315 4.10 3.99 -34.31
C ALA A 315 3.13 3.42 -33.26
N LEU A 316 2.90 2.10 -33.30
CA LEU A 316 2.00 1.41 -32.34
C LEU A 316 2.83 0.56 -31.36
N ARG A 317 4.08 0.96 -31.11
CA ARG A 317 5.01 0.26 -30.18
C ARG A 317 5.22 1.12 -28.93
N LEU A 318 4.71 0.67 -27.79
CA LEU A 318 5.01 1.28 -26.46
C LEU A 318 6.51 1.11 -26.18
N PRO A 319 7.28 2.20 -25.96
CA PRO A 319 8.71 2.11 -25.73
C PRO A 319 9.13 1.38 -24.43
N THR A 320 8.34 1.55 -23.38
CA THR A 320 8.57 1.01 -22.02
C THR A 320 8.51 -0.51 -22.04
N VAL A 321 7.58 -1.11 -22.75
CA VAL A 321 7.39 -2.59 -22.66
C VAL A 321 7.26 -3.15 -24.08
N THR A 322 8.20 -4.02 -24.44
CA THR A 322 8.32 -4.61 -25.79
C THR A 322 7.80 -6.06 -25.79
N THR A 323 6.81 -6.36 -26.63
CA THR A 323 6.41 -7.75 -26.92
C THR A 323 7.18 -8.27 -28.13
N VAL A 324 7.72 -9.48 -27.97
CA VAL A 324 8.50 -10.21 -29.02
C VAL A 324 7.82 -11.54 -29.28
N ALA A 325 7.60 -11.88 -30.54
CA ALA A 325 6.99 -13.18 -30.90
C ALA A 325 7.91 -14.25 -30.33
N VAL A 326 7.39 -15.46 -30.15
CA VAL A 326 8.19 -16.55 -29.55
C VAL A 326 8.89 -17.25 -30.70
N PRO A 327 10.23 -17.39 -30.66
CA PRO A 327 10.93 -18.09 -31.73
C PRO A 327 10.37 -19.51 -31.87
N ALA A 328 10.14 -19.95 -33.11
CA ALA A 328 9.38 -21.21 -33.37
C ALA A 328 10.25 -22.37 -32.90
N GLY A 329 9.63 -23.43 -32.40
CA GLY A 329 10.35 -24.59 -31.85
C GLY A 329 11.10 -24.22 -30.58
N TYR A 330 10.49 -23.39 -29.73
CA TYR A 330 11.07 -22.96 -28.43
C TYR A 330 10.01 -22.96 -27.34
N ASP A 331 10.37 -23.51 -26.18
CA ASP A 331 9.61 -23.35 -24.91
C ASP A 331 9.97 -21.98 -24.36
N TRP A 332 9.02 -21.06 -24.27
CA TRP A 332 9.26 -19.67 -23.82
C TRP A 332 9.76 -19.69 -22.38
N ARG A 333 9.24 -20.63 -21.59
CA ARG A 333 9.61 -20.83 -20.16
C ARG A 333 11.11 -21.12 -20.10
N ASP A 334 11.61 -21.97 -21.00
CA ASP A 334 13.04 -22.37 -21.03
C ASP A 334 13.88 -21.10 -21.20
N ILE A 335 13.39 -20.16 -22.02
CA ILE A 335 14.15 -18.95 -22.42
C ILE A 335 14.22 -18.02 -21.21
N VAL A 336 13.06 -17.76 -20.62
CA VAL A 336 12.95 -16.92 -19.40
C VAL A 336 13.82 -17.54 -18.29
N SER A 337 13.71 -18.85 -18.04
CA SER A 337 14.45 -19.52 -16.92
C SER A 337 15.95 -19.42 -17.18
N TYR A 338 16.38 -19.65 -18.42
CA TYR A 338 17.82 -19.59 -18.78
C TYR A 338 18.30 -18.17 -18.54
N VAL A 339 17.46 -17.17 -18.85
CA VAL A 339 17.86 -15.76 -18.66
C VAL A 339 18.04 -15.49 -17.17
N MET A 340 17.12 -15.98 -16.33
CA MET A 340 17.23 -15.72 -14.87
C MET A 340 18.44 -16.47 -14.31
N ASP A 341 18.47 -17.79 -14.50
CA ASP A 341 19.51 -18.69 -13.94
C ASP A 341 20.92 -18.21 -14.32
N HIS A 342 21.11 -17.85 -15.58
CA HIS A 342 22.45 -17.66 -16.18
C HIS A 342 22.80 -16.19 -16.42
N PHE A 343 21.91 -15.22 -16.18
CA PHE A 343 22.30 -13.78 -16.35
C PHE A 343 21.87 -12.90 -15.19
N ASP A 344 21.15 -13.47 -14.22
CA ASP A 344 20.64 -12.80 -13.00
C ASP A 344 19.63 -11.72 -13.42
N ILE A 345 18.95 -11.94 -14.54
CA ILE A 345 18.15 -10.93 -15.26
C ILE A 345 16.73 -11.46 -15.31
N GLU A 346 15.78 -10.57 -15.03
CA GLU A 346 14.36 -10.93 -15.20
C GLU A 346 13.89 -10.33 -16.50
N ILE A 347 13.34 -11.17 -17.37
CA ILE A 347 12.43 -10.75 -18.45
C ILE A 347 11.22 -11.65 -18.30
N MET A 348 10.09 -11.25 -18.85
CA MET A 348 8.80 -11.94 -18.62
C MET A 348 8.28 -12.57 -19.92
N GLY A 349 7.20 -13.35 -19.75
CA GLY A 349 6.40 -13.93 -20.84
C GLY A 349 5.21 -13.03 -21.12
N GLY A 350 4.10 -13.64 -21.54
CA GLY A 350 2.86 -12.95 -21.93
C GLY A 350 1.87 -12.82 -20.78
N LEU A 351 0.76 -12.16 -21.06
CA LEU A 351 -0.23 -11.81 -20.00
C LEU A 351 -1.66 -11.79 -20.55
N GLY A 352 -2.52 -12.69 -20.08
CA GLY A 352 -3.95 -12.66 -20.39
C GLY A 352 -4.27 -13.29 -21.74
N PRO A 353 -4.66 -12.50 -22.76
CA PRO A 353 -4.81 -13.02 -24.12
C PRO A 353 -3.43 -13.37 -24.70
N SER A 354 -2.44 -12.48 -24.46
CA SER A 354 -1.06 -12.48 -25.00
C SER A 354 -0.22 -13.61 -24.42
N THR A 355 -0.86 -14.54 -23.70
CA THR A 355 -0.21 -15.58 -22.85
C THR A 355 0.28 -16.73 -23.73
N GLY A 356 1.55 -17.08 -23.58
CA GLY A 356 2.16 -18.21 -24.33
C GLY A 356 2.52 -17.83 -25.74
N LYS A 357 2.19 -16.59 -26.18
CA LYS A 357 2.44 -16.05 -27.55
C LYS A 357 3.73 -15.24 -27.61
N VAL A 358 4.16 -14.63 -26.49
CA VAL A 358 5.21 -13.56 -26.51
C VAL A 358 6.23 -13.71 -25.39
N LEU A 359 7.32 -12.95 -25.52
CA LEU A 359 8.14 -12.51 -24.39
C LEU A 359 7.99 -11.00 -24.27
N ARG A 360 8.28 -10.46 -23.08
CA ARG A 360 8.19 -8.99 -22.89
C ARG A 360 9.51 -8.50 -22.31
N ILE A 361 9.94 -7.32 -22.72
CA ILE A 361 11.18 -6.68 -22.20
C ILE A 361 10.87 -5.21 -21.89
N GLY A 362 11.21 -4.79 -20.69
CA GLY A 362 10.89 -3.46 -20.17
C GLY A 362 12.09 -2.54 -20.23
N LEU A 363 11.83 -1.24 -20.41
CA LEU A 363 12.85 -0.17 -20.37
C LEU A 363 12.22 0.99 -19.61
N LEU A 364 12.55 1.11 -18.32
CA LEU A 364 11.77 1.95 -17.40
C LEU A 364 12.70 2.97 -16.71
N GLY A 365 12.41 4.27 -16.89
CA GLY A 365 13.10 5.41 -16.25
C GLY A 365 14.61 5.24 -16.22
N CYS A 366 15.23 5.42 -15.06
CA CYS A 366 16.70 5.35 -14.92
C CYS A 366 17.22 4.03 -15.49
N ASN A 367 16.37 2.99 -15.59
CA ASN A 367 16.83 1.68 -16.12
C ASN A 367 16.79 1.61 -17.64
N ALA A 368 16.11 2.55 -18.33
CA ALA A 368 15.97 2.54 -19.80
C ALA A 368 17.26 3.10 -20.43
N THR A 369 18.35 2.33 -20.33
CA THR A 369 19.72 2.68 -20.80
C THR A 369 20.09 1.72 -21.92
N ARG A 370 21.02 2.14 -22.78
CA ARG A 370 21.53 1.25 -23.87
C ARG A 370 22.33 0.09 -23.24
N GLU A 371 22.95 0.31 -22.08
CA GLU A 371 23.75 -0.75 -21.40
C GLU A 371 22.89 -1.97 -21.08
N ASN A 372 21.63 -1.73 -20.65
CA ASN A 372 20.67 -2.79 -20.27
C ASN A 372 20.13 -3.46 -21.53
N VAL A 373 19.91 -2.71 -22.60
CA VAL A 373 19.52 -3.36 -23.89
C VAL A 373 20.65 -4.31 -24.34
N ASP A 374 21.91 -3.88 -24.16
CA ASP A 374 23.09 -4.71 -24.51
C ASP A 374 23.09 -5.96 -23.64
N ARG A 375 22.92 -5.81 -22.32
CA ARG A 375 22.94 -6.94 -21.37
C ARG A 375 21.83 -7.92 -21.75
N VAL A 376 20.61 -7.45 -21.97
CA VAL A 376 19.48 -8.40 -22.26
C VAL A 376 19.68 -9.05 -23.62
N THR A 377 20.27 -8.33 -24.58
CA THR A 377 20.59 -8.88 -25.92
C THR A 377 21.63 -10.00 -25.78
N GLU A 378 22.67 -9.79 -25.00
CA GLU A 378 23.71 -10.83 -24.83
C GLU A 378 23.12 -12.06 -24.15
N ALA A 379 22.20 -11.85 -23.19
CA ALA A 379 21.51 -12.96 -22.49
C ALA A 379 20.70 -13.79 -23.48
N LEU A 380 19.81 -13.15 -24.24
CA LEU A 380 18.89 -13.86 -25.17
C LEU A 380 19.69 -14.45 -26.33
N ARG A 381 20.82 -13.84 -26.64
CA ARG A 381 21.79 -14.48 -27.55
C ARG A 381 22.13 -15.88 -27.03
N ALA A 382 22.63 -15.95 -25.79
CA ALA A 382 23.07 -17.21 -25.15
C ALA A 382 21.87 -18.16 -25.01
N ALA A 383 20.67 -17.61 -24.80
CA ALA A 383 19.48 -18.44 -24.56
C ALA A 383 19.11 -19.16 -25.86
N LEU A 384 19.01 -18.43 -26.98
CA LEU A 384 18.60 -19.10 -28.23
C LEU A 384 19.60 -20.21 -28.61
N GLN A 385 20.88 -20.08 -28.29
CA GLN A 385 21.85 -21.15 -28.67
C GLN A 385 21.88 -22.31 -27.67
N HIS A 386 21.17 -22.27 -26.52
CA HIS A 386 21.29 -23.41 -25.56
C HIS A 386 19.95 -24.08 -25.26
N CYS A 387 18.86 -23.32 -25.13
CA CYS A 387 17.51 -23.90 -24.89
C CYS A 387 17.13 -24.81 -26.05
N PRO A 388 16.54 -26.00 -25.78
CA PRO A 388 16.27 -26.98 -26.82
C PRO A 388 15.17 -26.54 -27.81
N LYS A 389 15.38 -26.84 -29.10
CA LYS A 389 14.60 -26.25 -30.22
C LYS A 389 14.01 -27.36 -31.11
N LYS A 390 12.72 -27.69 -30.92
CA LYS A 390 11.96 -28.74 -31.64
C LYS A 390 12.67 -29.14 -32.94
N LEU B 11 7.39 24.56 -9.67
CA LEU B 11 7.81 23.26 -9.04
C LEU B 11 9.08 23.46 -8.22
N LYS B 12 9.27 24.61 -7.59
CA LYS B 12 10.54 24.94 -6.88
C LYS B 12 10.62 24.05 -5.65
N ALA B 13 9.51 23.88 -4.93
CA ALA B 13 9.40 23.04 -3.70
C ALA B 13 9.85 21.60 -4.01
N LEU B 14 9.37 21.01 -5.11
CA LEU B 14 9.69 19.60 -5.47
C LEU B 14 11.16 19.41 -5.82
N LEU B 15 11.88 20.48 -6.17
CA LEU B 15 13.27 20.37 -6.68
C LEU B 15 14.26 20.63 -5.56
N LYS B 16 13.80 21.10 -4.42
CA LYS B 16 14.60 21.02 -3.17
C LYS B 16 14.74 19.55 -2.79
N PRO B 17 15.85 19.16 -2.11
CA PRO B 17 15.94 17.81 -1.57
C PRO B 17 14.93 17.58 -0.44
N LEU B 18 14.50 16.31 -0.29
CA LEU B 18 13.61 15.83 0.79
C LEU B 18 14.26 16.07 2.15
N SER B 19 13.54 16.74 3.02
CA SER B 19 13.99 17.08 4.38
C SER B 19 12.89 16.63 5.35
N ILE B 20 13.20 15.68 6.21
CA ILE B 20 12.19 15.20 7.19
C ILE B 20 12.68 15.55 8.59
N PRO B 21 11.83 16.24 9.39
CA PRO B 21 12.20 16.59 10.76
C PRO B 21 12.20 15.40 11.73
N ASN B 22 13.03 15.47 12.77
CA ASN B 22 13.12 14.40 13.78
C ASN B 22 11.91 14.53 14.71
N GLN B 23 11.07 13.49 14.77
CA GLN B 23 9.91 13.43 15.71
C GLN B 23 9.86 12.08 16.44
N LEU B 24 9.70 12.16 17.77
CA LEU B 24 9.41 11.00 18.65
C LEU B 24 7.89 10.77 18.61
N LEU B 25 7.47 9.63 18.09
CA LEU B 25 6.04 9.37 17.80
C LEU B 25 5.45 8.53 18.92
N LEU B 26 4.59 9.14 19.73
CA LEU B 26 3.99 8.50 20.94
C LEU B 26 2.48 8.76 20.96
N GLY B 27 1.84 8.74 19.80
CA GLY B 27 0.37 8.60 19.70
C GLY B 27 -0.03 7.20 19.28
N PRO B 28 -1.32 6.98 18.95
CA PRO B 28 -1.81 5.72 18.40
C PRO B 28 -1.26 5.22 17.06
N GLY B 29 -0.25 5.92 16.58
CA GLY B 29 0.43 5.46 15.36
C GLY B 29 0.42 6.55 14.31
N PRO B 30 1.21 6.33 13.27
CA PRO B 30 2.21 5.26 13.26
C PRO B 30 3.39 5.57 14.21
N SER B 31 4.19 4.57 14.50
CA SER B 31 5.30 4.68 15.48
C SER B 31 6.63 4.64 14.76
N ASN B 32 7.63 5.27 15.39
CA ASN B 32 9.05 5.27 14.98
C ASN B 32 9.51 3.82 14.73
N LEU B 33 10.43 3.68 13.75
CA LEU B 33 10.94 2.39 13.25
C LEU B 33 12.29 2.12 13.93
N PRO B 34 12.63 0.86 14.25
CA PRO B 34 13.99 0.50 14.63
C PRO B 34 14.95 0.32 13.47
N PRO B 35 16.27 0.46 13.69
CA PRO B 35 17.24 0.33 12.60
C PRO B 35 17.05 -0.83 11.60
N ARG B 36 16.83 -2.07 12.05
CA ARG B 36 16.70 -3.24 11.11
C ARG B 36 15.63 -2.97 10.04
N ILE B 37 14.48 -2.44 10.42
CA ILE B 37 13.31 -2.22 9.51
C ILE B 37 13.62 -1.08 8.56
N MET B 38 14.32 -0.05 9.05
CA MET B 38 14.71 1.08 8.17
C MET B 38 15.70 0.58 7.15
N ALA B 39 16.67 -0.20 7.59
CA ALA B 39 17.72 -0.71 6.69
C ALA B 39 17.08 -1.61 5.64
N ALA B 40 16.03 -2.35 6.01
CA ALA B 40 15.27 -3.20 5.08
C ALA B 40 14.53 -2.33 4.06
N GLY B 41 13.97 -1.20 4.50
CA GLY B 41 13.21 -0.29 3.61
C GLY B 41 14.09 0.29 2.52
N GLY B 42 15.40 0.33 2.77
CA GLY B 42 16.41 0.93 1.89
C GLY B 42 17.01 -0.06 0.92
N LEU B 43 16.47 -1.28 0.89
CA LEU B 43 17.05 -2.44 0.20
C LEU B 43 16.58 -2.37 -1.25
N GLN B 44 17.26 -3.15 -2.09
CA GLN B 44 17.06 -3.15 -3.53
C GLN B 44 15.89 -4.05 -3.85
N MET B 45 15.26 -3.73 -4.97
CA MET B 45 14.09 -4.44 -5.48
C MET B 45 14.46 -5.86 -5.87
N ILE B 46 13.47 -6.76 -5.77
CA ILE B 46 13.57 -8.09 -6.40
C ILE B 46 12.22 -8.35 -7.08
N GLY B 47 12.15 -9.44 -7.82
CA GLY B 47 11.02 -9.68 -8.72
C GLY B 47 9.75 -10.01 -7.99
N SER B 48 8.66 -9.34 -8.34
CA SER B 48 7.35 -9.55 -7.71
C SER B 48 6.68 -10.83 -8.21
N MET B 49 7.37 -11.72 -8.96
CA MET B 49 6.90 -13.13 -9.12
C MET B 49 8.08 -14.12 -9.04
N SER B 50 9.22 -13.67 -8.49
CA SER B 50 10.44 -14.50 -8.32
C SER B 50 10.23 -15.57 -7.26
N LYS B 51 11.04 -16.63 -7.31
CA LYS B 51 11.11 -17.65 -6.23
C LYS B 51 11.42 -16.97 -4.90
N ASP B 52 12.28 -15.95 -4.90
CA ASP B 52 12.78 -15.37 -3.63
C ASP B 52 11.71 -14.49 -2.96
N MET B 53 10.90 -13.79 -3.74
CA MET B 53 9.74 -13.00 -3.26
C MET B 53 8.74 -13.96 -2.63
N TYR B 54 8.50 -15.08 -3.30
CA TYR B 54 7.58 -16.14 -2.79
C TYR B 54 8.12 -16.69 -1.47
N GLN B 55 9.43 -16.91 -1.37
CA GLN B 55 10.10 -17.46 -0.16
C GLN B 55 10.04 -16.44 1.00
N ILE B 56 10.26 -15.15 0.69
CA ILE B 56 10.07 -14.04 1.66
C ILE B 56 8.61 -14.00 2.08
N MET B 57 7.70 -14.25 1.15
CA MET B 57 6.23 -14.22 1.43
C MET B 57 5.86 -15.41 2.30
N ASP B 58 6.50 -16.57 2.10
CA ASP B 58 6.20 -17.78 2.91
C ASP B 58 6.71 -17.60 4.36
N GLU B 59 7.85 -16.93 4.54
CA GLU B 59 8.35 -16.58 5.89
C GLU B 59 7.38 -15.56 6.50
N ILE B 60 6.89 -14.61 5.72
CA ILE B 60 5.89 -13.64 6.26
C ILE B 60 4.68 -14.44 6.74
N LYS B 61 4.26 -15.47 5.99
CA LYS B 61 3.08 -16.29 6.34
C LYS B 61 3.34 -16.94 7.72
N GLU B 62 4.45 -17.64 7.84
CA GLU B 62 4.91 -18.19 9.13
C GLU B 62 4.78 -17.15 10.25
N GLY B 63 5.23 -15.91 10.00
CA GLY B 63 5.27 -14.81 10.99
C GLY B 63 3.88 -14.39 11.41
N ILE B 64 2.97 -14.29 10.45
CA ILE B 64 1.53 -14.01 10.75
C ILE B 64 0.97 -15.16 11.60
N GLN B 65 1.26 -16.42 11.24
CA GLN B 65 0.75 -17.62 11.98
C GLN B 65 1.28 -17.59 13.42
N TYR B 66 2.51 -17.17 13.63
CA TYR B 66 3.10 -16.98 14.98
C TYR B 66 2.38 -15.88 15.77
N VAL B 67 2.23 -14.70 15.19
CA VAL B 67 1.77 -13.52 15.99
C VAL B 67 0.27 -13.63 16.25
N PHE B 68 -0.51 -14.21 15.32
CA PHE B 68 -1.97 -14.37 15.50
C PHE B 68 -2.26 -15.60 16.37
N GLN B 69 -1.29 -16.52 16.49
CA GLN B 69 -1.44 -17.84 17.15
C GLN B 69 -2.47 -18.69 16.38
N THR B 70 -2.16 -19.04 15.13
CA THR B 70 -2.99 -19.92 14.28
C THR B 70 -2.13 -20.76 13.32
N ARG B 71 -2.81 -21.69 12.66
CA ARG B 71 -2.24 -22.43 11.51
C ARG B 71 -3.24 -22.43 10.35
N ASN B 72 -4.18 -21.49 10.33
CA ASN B 72 -5.08 -21.31 9.16
C ASN B 72 -4.21 -21.32 7.91
N PRO B 73 -4.43 -22.25 6.97
CA PRO B 73 -3.79 -22.14 5.64
C PRO B 73 -4.07 -20.80 4.96
N LEU B 74 -5.25 -20.21 5.19
CA LEU B 74 -5.64 -18.89 4.66
C LEU B 74 -5.30 -17.81 5.66
N THR B 75 -4.05 -17.37 5.62
CA THR B 75 -3.47 -16.26 6.43
C THR B 75 -2.53 -15.57 5.45
N LEU B 76 -2.64 -14.23 5.35
CA LEU B 76 -1.89 -13.47 4.32
C LEU B 76 -1.80 -11.98 4.63
N VAL B 77 -1.11 -11.29 3.74
CA VAL B 77 -0.96 -9.83 3.75
C VAL B 77 -2.04 -9.23 2.86
N ILE B 78 -2.57 -8.12 3.31
CA ILE B 78 -3.46 -7.23 2.52
C ILE B 78 -2.60 -6.06 2.09
N SER B 79 -2.58 -5.80 0.79
CA SER B 79 -1.90 -4.65 0.14
C SER B 79 -2.62 -3.32 0.39
N GLY B 80 -2.68 -2.93 1.64
CA GLY B 80 -3.31 -1.68 2.07
C GLY B 80 -3.18 -1.53 3.57
N SER B 81 -3.61 -0.38 4.09
CA SER B 81 -3.58 -0.07 5.53
C SER B 81 -4.49 -1.06 6.31
N GLY B 82 -4.51 -0.93 7.63
CA GLY B 82 -5.46 -1.73 8.45
C GLY B 82 -6.91 -1.61 7.97
N HIS B 83 -7.35 -0.41 7.58
CA HIS B 83 -8.74 -0.19 7.10
C HIS B 83 -8.98 -1.15 5.95
N CYS B 84 -7.92 -1.43 5.17
CA CYS B 84 -8.00 -2.24 3.93
C CYS B 84 -8.23 -3.71 4.30
N ALA B 85 -7.60 -4.18 5.39
CA ALA B 85 -7.73 -5.59 5.85
C ALA B 85 -9.16 -5.81 6.34
N LEU B 86 -9.68 -4.81 7.09
CA LEU B 86 -11.09 -4.77 7.55
C LEU B 86 -12.03 -4.78 6.36
N GLU B 87 -11.92 -3.82 5.43
CA GLU B 87 -12.87 -3.73 4.30
C GLU B 87 -12.77 -4.99 3.44
N ALA B 88 -11.58 -5.58 3.30
CA ALA B 88 -11.39 -6.86 2.56
C ALA B 88 -12.18 -7.99 3.25
N ALA B 89 -12.04 -8.11 4.57
CA ALA B 89 -12.87 -9.03 5.39
C ALA B 89 -14.34 -8.81 5.05
N LEU B 90 -14.80 -7.56 5.13
CA LEU B 90 -16.24 -7.26 4.95
C LEU B 90 -16.69 -7.59 3.53
N VAL B 91 -15.98 -7.18 2.48
CA VAL B 91 -16.48 -7.40 1.09
C VAL B 91 -16.35 -8.89 0.75
N ASN B 92 -15.46 -9.62 1.41
CA ASN B 92 -15.30 -11.07 1.14
C ASN B 92 -16.38 -11.87 1.88
N VAL B 93 -16.77 -11.45 3.08
CA VAL B 93 -17.65 -12.30 3.94
C VAL B 93 -19.13 -11.89 3.84
N LEU B 94 -19.45 -10.65 3.44
CA LEU B 94 -20.84 -10.15 3.32
C LEU B 94 -21.43 -10.51 1.95
N GLU B 95 -22.70 -10.92 1.96
CA GLU B 95 -23.56 -11.13 0.77
C GLU B 95 -24.86 -10.35 1.04
N PRO B 96 -25.02 -9.13 0.49
CA PRO B 96 -26.07 -8.21 0.95
C PRO B 96 -27.49 -8.76 0.72
N GLY B 103 -20.92 -4.90 16.15
CA GLY B 103 -21.47 -3.85 17.02
C GLY B 103 -20.48 -2.72 17.24
N ALA B 104 -21.02 -1.50 17.44
CA ALA B 104 -20.28 -0.21 17.52
C ALA B 104 -19.67 0.03 18.91
N ASN B 105 -18.43 0.50 18.95
CA ASN B 105 -17.66 0.69 20.20
C ASN B 105 -17.11 2.14 20.26
N GLY B 106 -16.16 2.48 19.39
CA GLY B 106 -15.46 3.78 19.38
C GLY B 106 -15.44 4.37 17.98
N ILE B 107 -14.30 4.31 17.29
CA ILE B 107 -14.22 4.80 15.88
C ILE B 107 -14.26 3.59 14.95
N TRP B 108 -13.75 2.45 15.41
CA TRP B 108 -13.55 1.28 14.53
C TRP B 108 -14.90 0.59 14.30
N GLY B 109 -15.72 0.53 15.34
CA GLY B 109 -17.12 0.10 15.18
C GLY B 109 -17.85 0.96 14.15
N GLN B 110 -17.66 2.29 14.20
CA GLN B 110 -18.32 3.23 13.25
C GLN B 110 -17.83 2.96 11.82
N ARG B 111 -16.54 2.69 11.64
CA ARG B 111 -15.98 2.40 10.30
C ARG B 111 -16.58 1.10 9.78
N ALA B 112 -16.74 0.10 10.63
CA ALA B 112 -17.37 -1.19 10.24
C ALA B 112 -18.82 -0.93 9.85
N VAL B 113 -19.49 0.02 10.53
CA VAL B 113 -20.90 0.39 10.21
C VAL B 113 -20.97 1.07 8.84
N ASP B 114 -20.09 2.03 8.55
CA ASP B 114 -20.05 2.72 7.22
C ASP B 114 -19.78 1.68 6.11
N ILE B 115 -18.81 0.79 6.27
CA ILE B 115 -18.48 -0.20 5.20
C ILE B 115 -19.66 -1.15 5.02
N GLY B 116 -20.25 -1.62 6.13
CA GLY B 116 -21.43 -2.52 6.12
C GLY B 116 -22.60 -1.89 5.38
N GLU B 117 -22.86 -0.60 5.68
CA GLU B 117 -23.90 0.25 5.01
C GLU B 117 -23.59 0.28 3.51
N ARG B 118 -22.35 0.63 3.16
CA ARG B 118 -21.88 0.79 1.75
C ARG B 118 -22.15 -0.46 0.93
N ILE B 119 -22.00 -1.64 1.52
CA ILE B 119 -22.29 -2.91 0.82
C ILE B 119 -23.79 -3.25 0.76
N GLY B 120 -24.42 -3.48 1.89
CA GLY B 120 -25.84 -3.84 1.96
C GLY B 120 -26.20 -4.67 3.18
N LYS B 147 -29.25 -12.05 15.80
CA LYS B 147 -28.71 -13.30 15.18
C LYS B 147 -28.10 -12.96 13.82
N PRO B 148 -27.11 -12.04 13.73
CA PRO B 148 -26.49 -11.68 12.45
C PRO B 148 -25.49 -12.75 11.99
N VAL B 149 -25.14 -12.74 10.70
CA VAL B 149 -24.18 -13.71 10.11
C VAL B 149 -22.76 -13.46 10.67
N LEU B 150 -22.43 -12.21 10.99
CA LEU B 150 -21.04 -11.80 11.39
C LEU B 150 -21.13 -10.73 12.49
N LEU B 151 -20.28 -10.87 13.51
CA LEU B 151 -20.08 -9.87 14.60
C LEU B 151 -18.62 -9.40 14.55
N PHE B 152 -18.43 -8.10 14.66
CA PHE B 152 -17.13 -7.40 14.70
C PHE B 152 -16.88 -6.91 16.12
N LEU B 153 -15.67 -7.12 16.64
CA LEU B 153 -15.27 -6.53 17.94
C LEU B 153 -13.86 -5.98 17.85
N THR B 154 -13.69 -4.81 18.46
CA THR B 154 -12.40 -4.11 18.55
C THR B 154 -11.72 -4.66 19.79
N HIS B 155 -10.63 -5.40 19.60
CA HIS B 155 -9.79 -5.90 20.70
C HIS B 155 -9.12 -4.70 21.38
N GLY B 156 -8.32 -3.92 20.65
CA GLY B 156 -7.62 -2.73 21.17
C GLY B 156 -8.24 -1.47 20.64
N GLU B 157 -9.16 -0.88 21.38
CA GLU B 157 -9.79 0.38 20.94
C GLU B 157 -8.80 1.52 21.19
N SER B 158 -7.98 1.83 20.18
CA SER B 158 -7.00 2.95 20.24
C SER B 158 -7.71 4.31 20.36
N SER B 159 -8.96 4.42 19.92
CA SER B 159 -9.74 5.69 19.99
C SER B 159 -10.24 5.93 21.41
N THR B 160 -10.42 4.86 22.22
CA THR B 160 -11.01 5.02 23.58
C THR B 160 -10.08 4.48 24.65
N GLY B 161 -9.03 3.77 24.25
CA GLY B 161 -7.99 3.29 25.17
C GLY B 161 -8.37 1.99 25.87
N VAL B 162 -9.49 1.36 25.48
CA VAL B 162 -10.07 0.20 26.22
C VAL B 162 -9.57 -1.08 25.56
N LEU B 163 -9.13 -2.04 26.39
CA LEU B 163 -8.70 -3.41 26.00
C LEU B 163 -9.94 -4.27 26.16
N GLN B 164 -10.72 -4.39 25.09
CA GLN B 164 -11.96 -5.21 25.06
C GLN B 164 -11.59 -6.61 25.56
N PRO B 165 -12.40 -7.19 26.48
CA PRO B 165 -12.25 -8.60 26.83
C PRO B 165 -12.69 -9.44 25.63
N LEU B 166 -12.01 -10.58 25.42
CA LEU B 166 -12.21 -11.44 24.22
C LEU B 166 -12.84 -12.79 24.57
N ASP B 167 -12.59 -13.31 25.78
CA ASP B 167 -12.84 -14.73 26.14
C ASP B 167 -14.33 -15.06 26.06
N GLY B 168 -14.65 -16.17 25.38
CA GLY B 168 -16.00 -16.74 25.33
C GLY B 168 -16.74 -16.37 24.06
N PHE B 169 -16.56 -15.13 23.58
CA PHE B 169 -17.39 -14.55 22.48
C PHE B 169 -17.34 -15.45 21.24
N GLY B 170 -16.26 -16.22 21.08
CA GLY B 170 -16.19 -17.24 20.02
C GLY B 170 -17.29 -18.29 20.20
N CYS B 178 -23.12 -17.36 13.70
CA CYS B 178 -22.42 -16.06 13.50
C CYS B 178 -20.89 -16.25 13.51
N LEU B 179 -20.17 -15.55 12.64
CA LEU B 179 -18.68 -15.56 12.60
C LEU B 179 -18.15 -14.39 13.41
N LEU B 180 -17.01 -14.56 14.09
CA LEU B 180 -16.39 -13.49 14.93
C LEU B 180 -15.19 -12.88 14.21
N LEU B 181 -15.24 -11.57 14.05
CA LEU B 181 -14.21 -10.74 13.40
C LEU B 181 -13.57 -9.86 14.47
N VAL B 182 -12.28 -10.04 14.69
CA VAL B 182 -11.53 -9.25 15.70
C VAL B 182 -10.54 -8.34 14.98
N ASP B 183 -10.66 -7.04 15.24
CA ASP B 183 -9.68 -6.00 14.84
C ASP B 183 -8.52 -6.05 15.83
N SER B 184 -7.38 -6.59 15.44
CA SER B 184 -6.16 -6.61 16.29
C SER B 184 -5.10 -5.62 15.76
N VAL B 185 -5.49 -4.54 15.12
CA VAL B 185 -4.47 -3.60 14.58
C VAL B 185 -3.65 -3.03 15.75
N ALA B 186 -4.33 -2.54 16.79
CA ALA B 186 -3.73 -1.88 17.97
C ALA B 186 -3.28 -2.88 19.04
N SER B 187 -3.98 -4.01 19.18
CA SER B 187 -3.74 -5.01 20.26
C SER B 187 -2.48 -5.85 19.99
N LEU B 188 -2.33 -6.35 18.77
CA LEU B 188 -1.36 -7.43 18.46
C LEU B 188 0.04 -7.04 18.95
N GLY B 189 0.73 -8.00 19.56
CA GLY B 189 2.13 -7.86 19.97
C GLY B 189 2.28 -7.30 21.37
N GLY B 190 1.35 -6.48 21.84
CA GLY B 190 1.50 -5.79 23.14
C GLY B 190 0.60 -6.37 24.22
N THR B 191 -0.28 -7.30 23.86
CA THR B 191 -1.28 -7.87 24.80
C THR B 191 -1.55 -9.29 24.33
N PRO B 192 -1.80 -10.23 25.25
CA PRO B 192 -2.25 -11.57 24.85
C PRO B 192 -3.47 -11.57 23.92
N LEU B 193 -3.34 -12.35 22.87
CA LEU B 193 -4.36 -12.62 21.82
C LEU B 193 -4.01 -13.98 21.22
N TYR B 194 -4.99 -14.87 21.13
CA TYR B 194 -4.79 -16.30 20.77
C TYR B 194 -5.93 -16.68 19.84
N MET B 195 -5.70 -16.64 18.53
CA MET B 195 -6.76 -16.75 17.50
C MET B 195 -7.52 -18.07 17.69
N ASP B 196 -6.80 -19.19 17.66
CA ASP B 196 -7.42 -20.54 17.58
C ASP B 196 -7.87 -20.97 18.98
N ARG B 197 -7.18 -20.56 20.06
CA ARG B 197 -7.62 -20.85 21.46
C ARG B 197 -8.89 -20.03 21.74
N GLN B 198 -8.86 -18.72 21.53
CA GLN B 198 -9.99 -17.81 21.86
C GLN B 198 -11.15 -17.98 20.88
N GLY B 199 -11.04 -18.88 19.90
CA GLY B 199 -12.14 -19.10 18.94
C GLY B 199 -12.50 -17.82 18.22
N ILE B 200 -11.56 -17.26 17.44
CA ILE B 200 -11.84 -16.14 16.49
C ILE B 200 -11.94 -16.76 15.11
N ASP B 201 -12.87 -16.26 14.30
CA ASP B 201 -13.04 -16.71 12.90
C ASP B 201 -12.07 -15.93 12.03
N ILE B 202 -12.17 -14.59 12.07
CA ILE B 202 -11.32 -13.68 11.24
C ILE B 202 -10.59 -12.68 12.14
N LEU B 203 -9.26 -12.64 12.04
CA LEU B 203 -8.41 -11.73 12.83
C LEU B 203 -7.61 -10.86 11.87
N TYR B 204 -7.65 -9.55 12.05
CA TYR B 204 -6.79 -8.65 11.24
C TYR B 204 -6.06 -7.67 12.14
N SER B 205 -4.91 -7.26 11.65
CA SER B 205 -3.94 -6.40 12.35
C SER B 205 -3.31 -5.50 11.30
N GLY B 206 -2.50 -4.56 11.78
CA GLY B 206 -1.85 -3.51 11.00
C GLY B 206 -0.36 -3.70 11.06
N SER B 207 0.36 -3.11 10.10
CA SER B 207 1.83 -3.25 10.05
C SER B 207 2.49 -2.26 11.00
N GLN B 208 1.91 -1.10 11.26
CA GLN B 208 2.75 0.03 11.76
C GLN B 208 2.52 0.33 13.22
N1 LLP B 209 -8.00 -0.28 13.98
C2 LLP B 209 -7.24 -0.03 15.05
C2' LLP B 209 -7.55 -0.75 16.31
C3 LLP B 209 -6.17 0.87 15.00
O3 LLP B 209 -5.41 1.10 16.11
C4 LLP B 209 -5.85 1.53 13.81
C4' LLP B 209 -4.70 2.45 13.83
C5 LLP B 209 -6.66 1.25 12.68
C6 LLP B 209 -7.69 0.36 12.81
C5' LLP B 209 -6.42 1.90 11.35
OP4 LLP B 209 -5.32 1.23 10.72
P LLP B 209 -4.70 1.90 9.40
OP1 LLP B 209 -3.64 0.92 8.96
OP2 LLP B 209 -5.87 2.00 8.42
OP3 LLP B 209 -4.12 3.19 9.79
N LLP B 209 1.69 -0.45 13.93
CA LLP B 209 1.49 -0.20 15.37
CB LLP B 209 0.06 -0.50 15.80
CG LLP B 209 -0.77 0.77 15.92
CD LLP B 209 -2.06 0.70 15.13
CE LLP B 209 -2.45 2.00 14.43
NZ LLP B 209 -3.81 2.42 14.77
C LLP B 209 2.57 -0.93 16.16
O LLP B 209 3.74 -0.44 16.17
N ALA B 210 2.24 -2.04 16.82
CA ALA B 210 3.20 -2.64 17.78
C ALA B 210 4.38 -3.29 17.06
N LEU B 211 4.24 -3.65 15.79
CA LEU B 211 5.36 -4.29 15.02
C LEU B 211 6.38 -3.21 14.68
N ASN B 212 5.95 -1.96 14.52
CA ASN B 212 6.81 -0.79 14.16
C ASN B 212 7.41 -0.95 12.76
N ALA B 213 6.70 -1.60 11.84
CA ALA B 213 6.97 -1.50 10.40
C ALA B 213 6.30 -0.21 9.88
N PRO B 214 6.67 0.27 8.69
CA PRO B 214 6.00 1.42 8.12
C PRO B 214 4.56 1.07 7.81
N PRO B 215 3.65 2.07 7.87
CA PRO B 215 2.28 1.85 7.48
C PRO B 215 2.04 1.60 5.99
N GLY B 216 1.01 0.80 5.68
CA GLY B 216 0.61 0.52 4.30
C GLY B 216 0.43 -0.94 3.96
N THR B 217 0.93 -1.89 4.77
CA THR B 217 0.46 -3.29 4.64
C THR B 217 -0.32 -3.66 5.90
N SER B 218 -1.12 -4.69 5.80
CA SER B 218 -1.94 -5.17 6.93
C SER B 218 -1.95 -6.70 6.91
N LEU B 219 -2.30 -7.32 8.05
CA LEU B 219 -2.26 -8.80 8.24
C LEU B 219 -3.69 -9.31 8.48
N ILE B 220 -4.04 -10.43 7.85
CA ILE B 220 -5.39 -11.02 8.05
C ILE B 220 -5.27 -12.54 8.05
N SER B 221 -6.17 -13.18 8.77
CA SER B 221 -6.34 -14.66 8.70
C SER B 221 -7.81 -15.02 8.90
N PHE B 222 -8.21 -16.09 8.22
CA PHE B 222 -9.59 -16.61 8.14
C PHE B 222 -9.65 -18.04 8.67
N SER B 223 -10.65 -18.31 9.50
CA SER B 223 -10.98 -19.70 9.88
C SER B 223 -11.58 -20.45 8.68
N ASP B 224 -11.53 -21.78 8.77
CA ASP B 224 -12.16 -22.72 7.82
C ASP B 224 -13.64 -22.40 7.68
N LYS B 225 -14.32 -22.01 8.76
CA LYS B 225 -15.72 -21.52 8.70
C LYS B 225 -15.80 -20.34 7.72
N ALA B 226 -15.03 -19.27 7.93
CA ALA B 226 -15.03 -18.05 7.08
C ALA B 226 -14.70 -18.43 5.64
N LYS B 227 -13.69 -19.29 5.47
CA LYS B 227 -13.24 -19.76 4.14
C LYS B 227 -14.39 -20.49 3.40
N LYS B 228 -15.20 -21.30 4.11
CA LYS B 228 -16.41 -21.93 3.52
C LYS B 228 -17.45 -20.86 3.13
N LYS B 229 -17.74 -19.90 4.02
CA LYS B 229 -18.67 -18.77 3.71
C LYS B 229 -18.20 -18.08 2.41
N MET B 230 -16.91 -17.77 2.29
CA MET B 230 -16.33 -17.01 1.14
C MET B 230 -16.32 -17.87 -0.13
N TYR B 231 -15.93 -19.13 -0.01
CA TYR B 231 -15.82 -20.07 -1.16
C TYR B 231 -17.17 -20.76 -1.44
N SER B 232 -18.28 -20.27 -0.89
CA SER B 232 -19.65 -20.74 -1.26
C SER B 232 -20.59 -19.55 -1.41
N ARG B 233 -20.10 -18.43 -1.93
CA ARG B 233 -20.93 -17.23 -2.20
C ARG B 233 -21.56 -17.39 -3.57
N LYS B 234 -22.84 -17.03 -3.70
CA LYS B 234 -23.54 -16.95 -5.01
C LYS B 234 -23.13 -15.66 -5.73
N THR B 235 -22.89 -14.57 -4.98
CA THR B 235 -22.51 -13.24 -5.53
C THR B 235 -20.98 -13.06 -5.48
N LYS B 236 -20.44 -12.33 -6.46
CA LYS B 236 -19.05 -11.86 -6.47
C LYS B 236 -18.92 -10.65 -5.55
N PRO B 237 -17.85 -10.54 -4.74
CA PRO B 237 -17.56 -9.32 -4.01
C PRO B 237 -17.43 -8.11 -4.95
N PHE B 238 -17.81 -6.93 -4.45
CA PHE B 238 -17.84 -5.66 -5.24
C PHE B 238 -16.42 -5.22 -5.63
N SER B 239 -15.36 -5.74 -4.97
CA SER B 239 -13.96 -5.39 -5.33
C SER B 239 -13.20 -6.59 -5.93
N PHE B 240 -12.32 -6.27 -6.88
CA PHE B 240 -11.40 -7.24 -7.53
C PHE B 240 -10.09 -7.26 -6.73
N TYR B 241 -9.54 -6.10 -6.40
CA TYR B 241 -8.27 -5.94 -5.61
C TYR B 241 -8.33 -6.85 -4.39
N LEU B 242 -9.51 -6.96 -3.76
CA LEU B 242 -9.65 -7.60 -2.41
C LEU B 242 -10.32 -8.98 -2.48
N ASP B 243 -10.49 -9.56 -3.67
CA ASP B 243 -11.15 -10.88 -3.80
C ASP B 243 -10.24 -11.93 -3.19
N ILE B 244 -10.79 -12.72 -2.29
CA ILE B 244 -9.96 -13.62 -1.45
C ILE B 244 -9.53 -14.83 -2.27
N LYS B 245 -10.25 -15.21 -3.31
CA LYS B 245 -9.82 -16.41 -4.05
C LYS B 245 -8.62 -16.04 -4.90
N TRP B 246 -8.60 -14.79 -5.38
CA TRP B 246 -7.45 -14.17 -6.10
C TRP B 246 -6.27 -13.94 -5.13
N LEU B 247 -6.52 -13.26 -3.99
CA LEU B 247 -5.43 -13.02 -3.01
C LEU B 247 -4.89 -14.36 -2.52
N ALA B 248 -5.78 -15.35 -2.36
CA ALA B 248 -5.43 -16.69 -1.83
C ALA B 248 -4.58 -17.42 -2.86
N ASN B 249 -5.02 -17.42 -4.10
CA ASN B 249 -4.18 -18.08 -5.15
C ASN B 249 -2.79 -17.43 -5.15
N PHE B 250 -2.68 -16.12 -5.26
CA PHE B 250 -1.31 -15.57 -5.30
C PHE B 250 -0.50 -15.91 -4.02
N TRP B 251 -1.10 -15.77 -2.84
CA TRP B 251 -0.33 -16.03 -1.59
C TRP B 251 -0.12 -17.54 -1.29
N GLY B 252 -0.46 -18.42 -2.23
CA GLY B 252 -0.06 -19.85 -2.10
C GLY B 252 -0.95 -20.63 -1.18
N CYS B 253 -2.19 -20.20 -0.92
CA CYS B 253 -3.11 -20.76 0.11
C CYS B 253 -4.06 -21.81 -0.49
N ASP B 254 -4.06 -22.03 -1.82
CA ASP B 254 -4.93 -23.05 -2.47
C ASP B 254 -4.10 -24.02 -3.31
N ASP B 255 -4.77 -24.88 -4.09
CA ASP B 255 -4.13 -25.98 -4.85
C ASP B 255 -3.61 -25.48 -6.19
N GLN B 256 -4.00 -24.31 -6.63
CA GLN B 256 -3.55 -23.86 -7.98
C GLN B 256 -2.21 -23.14 -7.82
N PRO B 257 -1.32 -23.23 -8.82
CA PRO B 257 -0.15 -22.35 -8.87
C PRO B 257 -0.53 -20.86 -8.89
N ARG B 258 0.37 -20.00 -8.45
CA ARG B 258 0.09 -18.57 -8.23
C ARG B 258 -0.08 -17.87 -9.58
N MET B 259 -1.21 -17.19 -9.73
CA MET B 259 -1.58 -16.39 -10.89
C MET B 259 -1.30 -14.94 -10.52
N TYR B 260 -0.97 -14.14 -11.53
CA TYR B 260 -0.93 -12.67 -11.42
C TYR B 260 -2.28 -12.16 -10.94
N HIS B 261 -2.28 -11.37 -9.88
CA HIS B 261 -3.44 -10.55 -9.45
C HIS B 261 -3.04 -9.09 -9.52
N HIS B 262 -2.19 -8.68 -8.57
CA HIS B 262 -1.68 -7.29 -8.46
C HIS B 262 -0.19 -7.38 -8.17
N THR B 263 0.51 -6.26 -8.16
CA THR B 263 1.94 -6.25 -7.79
C THR B 263 2.00 -5.92 -6.30
N ILE B 264 2.50 -6.85 -5.50
CA ILE B 264 2.59 -6.72 -4.01
C ILE B 264 3.64 -5.64 -3.66
N PRO B 265 3.57 -5.01 -2.48
CA PRO B 265 4.56 -3.98 -2.12
C PRO B 265 5.89 -4.49 -1.51
N VAL B 266 6.78 -4.90 -2.41
CA VAL B 266 8.01 -5.67 -2.12
C VAL B 266 8.81 -5.03 -0.98
N ILE B 267 9.00 -3.71 -1.00
CA ILE B 267 9.93 -3.06 -0.04
C ILE B 267 9.25 -3.01 1.34
N SER B 268 7.99 -2.60 1.41
CA SER B 268 7.12 -2.72 2.60
C SER B 268 7.14 -4.15 3.13
N LEU B 269 7.13 -5.15 2.24
CA LEU B 269 7.26 -6.59 2.64
C LEU B 269 8.66 -6.94 3.20
N TYR B 270 9.74 -6.36 2.67
CA TYR B 270 11.08 -6.46 3.33
C TYR B 270 11.01 -5.95 4.77
N SER B 271 10.39 -4.79 4.97
CA SER B 271 10.33 -4.13 6.30
C SER B 271 9.42 -4.93 7.23
N LEU B 272 8.34 -5.48 6.68
CA LEU B 272 7.41 -6.29 7.50
C LEU B 272 8.05 -7.62 7.88
N ARG B 273 8.70 -8.27 6.92
CA ARG B 273 9.46 -9.53 7.19
C ARG B 273 10.46 -9.27 8.31
N GLU B 274 11.19 -8.16 8.29
CA GLU B 274 12.19 -7.89 9.35
C GLU B 274 11.43 -7.64 10.66
N SER B 275 10.27 -6.98 10.60
CA SER B 275 9.48 -6.67 11.81
C SER B 275 9.05 -7.97 12.49
N LEU B 276 8.54 -8.91 11.70
CA LEU B 276 8.02 -10.20 12.23
C LEU B 276 9.18 -11.07 12.74
N ALA B 277 10.32 -11.08 12.06
CA ALA B 277 11.55 -11.69 12.59
C ALA B 277 11.93 -11.04 13.94
N LEU B 278 11.71 -9.73 14.10
CA LEU B 278 12.13 -8.99 15.30
C LEU B 278 11.25 -9.41 16.48
N ILE B 279 9.92 -9.32 16.31
CA ILE B 279 8.97 -9.72 17.40
C ILE B 279 9.10 -11.22 17.71
N ALA B 280 9.45 -12.07 16.74
CA ALA B 280 9.60 -13.52 16.97
C ALA B 280 10.85 -13.77 17.81
N GLU B 281 11.94 -13.05 17.54
CA GLU B 281 13.19 -13.18 18.35
C GLU B 281 12.88 -12.73 19.78
N GLN B 282 12.26 -11.57 19.97
CA GLN B 282 11.91 -11.09 21.34
C GLN B 282 11.02 -12.14 22.01
N GLY B 283 9.93 -12.57 21.34
CA GLY B 283 8.98 -13.52 21.94
C GLY B 283 7.67 -12.83 22.25
N LEU B 284 6.57 -13.57 22.15
CA LEU B 284 5.24 -12.94 22.24
C LEU B 284 5.04 -12.48 23.67
N GLU B 285 5.39 -13.35 24.64
CA GLU B 285 5.15 -13.07 26.08
C GLU B 285 6.17 -12.03 26.57
N ASN B 286 7.41 -12.07 26.10
CA ASN B 286 8.40 -10.98 26.41
C ASN B 286 7.84 -9.59 26.00
N SER B 287 7.19 -9.51 24.84
CA SER B 287 6.65 -8.23 24.31
C SER B 287 5.45 -7.87 25.19
N TRP B 288 4.54 -8.82 25.39
CA TRP B 288 3.33 -8.61 26.22
C TRP B 288 3.70 -8.02 27.58
N ARG B 289 4.72 -8.60 28.18
CA ARG B 289 5.30 -8.18 29.49
C ARG B 289 5.82 -6.73 29.40
N GLN B 290 6.74 -6.45 28.49
CA GLN B 290 7.30 -5.08 28.40
C GLN B 290 6.16 -4.04 28.21
N HIS B 291 5.11 -4.39 27.47
CA HIS B 291 3.98 -3.47 27.17
C HIS B 291 3.14 -3.25 28.44
N ARG B 292 2.88 -4.32 29.20
CA ARG B 292 2.12 -4.19 30.47
C ARG B 292 2.93 -3.35 31.48
N GLU B 293 4.22 -3.62 31.61
CA GLU B 293 5.09 -2.87 32.55
C GLU B 293 5.16 -1.39 32.17
N ALA B 294 5.35 -1.08 30.87
CA ALA B 294 5.47 0.31 30.38
C ALA B 294 4.13 1.01 30.57
N ALA B 295 3.01 0.32 30.35
CA ALA B 295 1.66 0.90 30.51
C ALA B 295 1.39 1.21 31.99
N ALA B 296 1.84 0.34 32.89
CA ALA B 296 1.71 0.56 34.34
C ALA B 296 2.52 1.80 34.71
N TYR B 297 3.79 1.85 34.31
CA TYR B 297 4.70 2.97 34.62
C TYR B 297 4.12 4.30 34.12
N LEU B 298 3.60 4.30 32.88
CA LEU B 298 3.02 5.53 32.26
C LEU B 298 1.81 5.97 33.08
N HIS B 299 0.90 5.04 33.39
CA HIS B 299 -0.29 5.32 34.24
C HIS B 299 0.18 5.96 35.55
N GLY B 300 1.23 5.40 36.15
CA GLY B 300 1.75 5.85 37.45
C GLY B 300 2.16 7.31 37.36
N ARG B 301 3.06 7.62 36.43
CA ARG B 301 3.53 9.02 36.21
C ARG B 301 2.36 9.94 35.84
N LEU B 302 1.41 9.45 35.03
CA LEU B 302 0.31 10.27 34.45
C LEU B 302 -0.62 10.75 35.58
N GLN B 303 -1.05 9.83 36.45
CA GLN B 303 -1.84 10.20 37.64
C GLN B 303 -0.97 11.04 38.59
N ALA B 304 0.32 10.73 38.67
CA ALA B 304 1.28 11.41 39.58
C ALA B 304 1.39 12.91 39.22
N LEU B 305 1.09 13.29 37.97
CA LEU B 305 1.12 14.72 37.59
C LEU B 305 -0.23 15.40 37.86
N GLY B 306 -1.24 14.63 38.33
CA GLY B 306 -2.58 15.18 38.63
C GLY B 306 -3.55 14.95 37.48
N LEU B 307 -3.20 14.11 36.52
CA LEU B 307 -4.07 13.79 35.35
C LEU B 307 -4.85 12.51 35.64
N GLN B 308 -6.01 12.38 34.99
CA GLN B 308 -7.04 11.33 35.25
C GLN B 308 -7.14 10.42 34.03
N LEU B 309 -6.80 9.14 34.19
CA LEU B 309 -6.84 8.15 33.08
C LEU B 309 -8.29 7.84 32.71
N PHE B 310 -8.65 8.13 31.45
CA PHE B 310 -10.04 8.31 30.97
C PHE B 310 -10.88 7.05 31.24
N VAL B 311 -10.27 5.86 31.19
CA VAL B 311 -10.98 4.58 31.50
C VAL B 311 -10.52 4.12 32.89
N LYS B 312 -11.49 3.95 33.79
CA LYS B 312 -11.32 3.82 35.27
C LYS B 312 -10.58 2.52 35.60
N ASP B 313 -11.10 1.38 35.17
CA ASP B 313 -10.57 0.06 35.54
C ASP B 313 -9.20 -0.14 34.88
N PRO B 314 -8.11 -0.26 35.67
CA PRO B 314 -6.78 -0.51 35.09
C PRO B 314 -6.63 -1.84 34.33
N ALA B 315 -7.57 -2.76 34.50
CA ALA B 315 -7.64 -4.05 33.79
C ALA B 315 -8.30 -3.85 32.41
N LEU B 316 -9.17 -2.84 32.25
CA LEU B 316 -9.85 -2.54 30.95
C LEU B 316 -9.09 -1.44 30.18
N ARG B 317 -7.80 -1.22 30.48
CA ARG B 317 -6.92 -0.22 29.80
C ARG B 317 -6.02 -0.98 28.82
N LEU B 318 -6.14 -0.71 27.52
CA LEU B 318 -5.24 -1.22 26.45
C LEU B 318 -3.84 -0.66 26.65
N PRO B 319 -2.80 -1.52 26.82
CA PRO B 319 -1.47 -1.02 27.14
C PRO B 319 -0.82 -0.19 26.01
N THR B 320 -1.20 -0.46 24.76
CA THR B 320 -0.57 0.10 23.54
C THR B 320 -1.05 1.54 23.35
N VAL B 321 -2.31 1.81 23.64
CA VAL B 321 -2.86 3.17 23.55
C VAL B 321 -3.54 3.48 24.88
N THR B 322 -3.03 4.49 25.58
CA THR B 322 -3.61 5.03 26.81
C THR B 322 -4.44 6.25 26.42
N THR B 323 -5.61 6.39 27.05
CA THR B 323 -6.48 7.58 26.92
C THR B 323 -6.42 8.34 28.23
N VAL B 324 -6.27 9.66 28.12
CA VAL B 324 -6.22 10.58 29.30
C VAL B 324 -7.27 11.65 29.11
N ALA B 325 -8.16 11.84 30.08
CA ALA B 325 -9.17 12.90 29.98
C ALA B 325 -8.43 14.23 29.89
N VAL B 326 -9.10 15.27 29.46
CA VAL B 326 -8.42 16.58 29.25
C VAL B 326 -8.45 17.35 30.56
N PRO B 327 -7.29 17.86 31.05
CA PRO B 327 -7.30 18.66 32.28
C PRO B 327 -8.18 19.89 32.06
N ALA B 328 -9.07 20.18 33.02
CA ALA B 328 -10.07 21.26 32.93
C ALA B 328 -9.36 22.60 32.78
N GLY B 329 -10.01 23.53 32.09
CA GLY B 329 -9.49 24.89 31.86
C GLY B 329 -8.27 24.87 30.96
N TYR B 330 -8.18 23.89 30.07
CA TYR B 330 -7.05 23.73 29.12
C TYR B 330 -7.59 23.43 27.74
N ASP B 331 -7.08 24.12 26.72
CA ASP B 331 -7.32 23.78 25.30
C ASP B 331 -6.42 22.59 24.95
N TRP B 332 -7.00 21.43 24.59
CA TRP B 332 -6.25 20.16 24.40
C TRP B 332 -5.31 20.33 23.20
N ARG B 333 -5.79 21.04 22.19
CA ARG B 333 -4.98 21.42 21.00
C ARG B 333 -3.71 22.12 21.45
N ASP B 334 -3.80 23.11 22.36
CA ASP B 334 -2.66 23.88 22.90
C ASP B 334 -1.62 22.90 23.47
N ILE B 335 -2.07 21.88 24.19
CA ILE B 335 -1.19 20.96 24.95
C ILE B 335 -0.46 20.04 23.96
N VAL B 336 -1.18 19.45 23.02
CA VAL B 336 -0.54 18.70 21.90
C VAL B 336 0.48 19.62 21.22
N SER B 337 0.05 20.81 20.81
CA SER B 337 0.94 21.84 20.18
C SER B 337 2.19 22.03 21.05
N TYR B 338 2.04 22.13 22.35
CA TYR B 338 3.17 22.38 23.28
C TYR B 338 4.13 21.20 23.20
N VAL B 339 3.59 19.99 23.20
CA VAL B 339 4.44 18.78 23.25
C VAL B 339 5.28 18.72 21.96
N MET B 340 4.67 18.98 20.82
CA MET B 340 5.41 18.98 19.52
C MET B 340 6.37 20.16 19.52
N ASP B 341 5.84 21.36 19.73
CA ASP B 341 6.55 22.67 19.60
C ASP B 341 7.78 22.74 20.50
N HIS B 342 7.74 22.13 21.69
CA HIS B 342 8.86 22.25 22.67
C HIS B 342 9.68 20.96 22.82
N PHE B 343 9.19 19.76 22.44
CA PHE B 343 9.90 18.49 22.77
C PHE B 343 10.00 17.49 21.62
N ASP B 344 9.49 17.84 20.44
CA ASP B 344 9.62 17.03 19.21
C ASP B 344 8.78 15.75 19.39
N ILE B 345 7.77 15.81 20.23
CA ILE B 345 7.05 14.58 20.63
C ILE B 345 5.59 14.64 20.14
N GLU B 346 5.18 13.55 19.51
CA GLU B 346 3.83 13.44 18.92
C GLU B 346 2.93 12.70 19.91
N ILE B 347 1.94 13.41 20.42
CA ILE B 347 0.77 12.82 21.13
C ILE B 347 -0.47 13.24 20.35
N MET B 348 -1.55 12.49 20.55
CA MET B 348 -2.81 12.65 19.78
C MET B 348 -3.88 13.24 20.68
N GLY B 349 -4.90 13.77 20.03
CA GLY B 349 -6.19 14.10 20.65
C GLY B 349 -7.12 12.92 20.46
N GLY B 350 -8.40 13.21 20.36
CA GLY B 350 -9.44 12.18 20.25
C GLY B 350 -9.67 11.81 18.81
N LEU B 351 -10.49 10.79 18.62
CA LEU B 351 -10.83 10.26 17.28
C LEU B 351 -12.26 9.70 17.32
N GLY B 352 -13.15 10.31 16.54
CA GLY B 352 -14.53 9.85 16.40
C GLY B 352 -15.42 10.35 17.55
N PRO B 353 -15.87 9.46 18.46
CA PRO B 353 -16.60 9.90 19.64
C PRO B 353 -15.60 10.58 20.61
N SER B 354 -14.42 9.98 20.80
CA SER B 354 -13.47 10.42 21.84
C SER B 354 -12.84 11.76 21.45
N THR B 355 -13.32 12.41 20.38
CA THR B 355 -12.74 13.69 19.89
C THR B 355 -13.09 14.81 20.87
N GLY B 356 -12.08 15.57 21.30
CA GLY B 356 -12.26 16.73 22.20
C GLY B 356 -12.33 16.32 23.67
N LYS B 357 -12.49 15.02 23.95
CA LYS B 357 -12.70 14.45 25.30
C LYS B 357 -11.38 13.97 25.89
N VAL B 358 -10.38 13.68 25.06
CA VAL B 358 -9.17 12.93 25.54
C VAL B 358 -7.91 13.35 24.80
N LEU B 359 -6.78 13.04 25.41
CA LEU B 359 -5.49 12.89 24.70
C LEU B 359 -5.22 11.40 24.63
N ARG B 360 -4.48 10.99 23.61
CA ARG B 360 -4.15 9.56 23.42
C ARG B 360 -2.64 9.45 23.38
N ILE B 361 -2.14 8.36 23.98
CA ILE B 361 -0.69 8.08 24.07
C ILE B 361 -0.51 6.68 23.55
N GLY B 362 0.56 6.47 22.79
CA GLY B 362 0.89 5.16 22.25
C GLY B 362 2.11 4.60 22.92
N LEU B 363 2.15 3.28 23.12
CA LEU B 363 3.35 2.52 23.56
C LEU B 363 3.50 1.28 22.65
N LEU B 364 4.26 1.44 21.59
CA LEU B 364 4.20 0.46 20.48
C LEU B 364 5.60 -0.10 20.22
N GLY B 365 5.77 -1.40 20.49
CA GLY B 365 7.03 -2.12 20.24
C GLY B 365 8.21 -1.39 20.84
N CYS B 366 9.26 -1.17 20.08
CA CYS B 366 10.50 -0.49 20.51
C CYS B 366 10.23 0.88 21.20
N ASN B 367 9.03 1.45 21.05
CA ASN B 367 8.68 2.77 21.63
C ASN B 367 8.06 2.59 23.02
N ALA B 368 7.62 1.37 23.38
CA ALA B 368 7.05 1.12 24.72
C ALA B 368 8.17 1.03 25.76
N THR B 369 8.87 2.15 25.99
CA THR B 369 10.07 2.17 26.87
C THR B 369 9.78 3.14 28.01
N ARG B 370 10.42 2.94 29.15
CA ARG B 370 10.19 3.81 30.33
C ARG B 370 10.90 5.16 30.07
N GLU B 371 11.98 5.14 29.31
CA GLU B 371 12.69 6.38 28.89
C GLU B 371 11.74 7.28 28.10
N ASN B 372 10.95 6.70 27.20
CA ASN B 372 9.97 7.50 26.40
C ASN B 372 8.89 8.00 27.35
N VAL B 373 8.47 7.18 28.31
CA VAL B 373 7.40 7.60 29.26
C VAL B 373 7.90 8.81 30.06
N ASP B 374 9.18 8.80 30.43
CA ASP B 374 9.81 9.94 31.14
C ASP B 374 9.73 11.19 30.26
N ARG B 375 10.10 11.06 28.97
CA ARG B 375 10.13 12.21 28.04
C ARG B 375 8.71 12.75 27.88
N VAL B 376 7.71 11.88 27.73
CA VAL B 376 6.31 12.33 27.46
C VAL B 376 5.76 12.99 28.72
N THR B 377 6.10 12.45 29.91
CA THR B 377 5.65 12.99 31.22
C THR B 377 6.24 14.39 31.41
N GLU B 378 7.54 14.53 31.18
CA GLU B 378 8.19 15.86 31.35
C GLU B 378 7.56 16.86 30.39
N ALA B 379 7.20 16.41 29.17
CA ALA B 379 6.65 17.29 28.12
C ALA B 379 5.25 17.77 28.52
N LEU B 380 4.38 16.83 28.92
CA LEU B 380 3.04 17.18 29.43
C LEU B 380 3.14 18.02 30.72
N ARG B 381 4.12 17.79 31.59
CA ARG B 381 4.37 18.65 32.80
C ARG B 381 4.54 20.11 32.35
N ALA B 382 5.47 20.35 31.42
CA ALA B 382 5.68 21.70 30.87
C ALA B 382 4.37 22.22 30.28
N ALA B 383 3.63 21.37 29.58
CA ALA B 383 2.41 21.83 28.87
C ALA B 383 1.35 22.27 29.88
N LEU B 384 1.17 21.49 30.95
CA LEU B 384 0.18 21.84 32.00
C LEU B 384 0.59 23.15 32.65
N GLN B 385 1.87 23.34 33.00
CA GLN B 385 2.24 24.59 33.69
C GLN B 385 2.29 25.79 32.72
N HIS B 386 2.27 25.62 31.39
CA HIS B 386 2.53 26.80 30.53
C HIS B 386 1.37 27.13 29.59
N CYS B 387 0.65 26.15 29.04
CA CYS B 387 -0.53 26.44 28.19
C CYS B 387 -1.54 27.20 29.05
N PRO B 388 -2.15 28.30 28.55
CA PRO B 388 -2.98 29.15 29.39
C PRO B 388 -4.16 28.36 29.98
N LYS B 389 -4.45 28.59 31.26
CA LYS B 389 -5.49 27.88 32.02
C LYS B 389 -6.53 28.91 32.48
N LYS B 390 -7.75 28.81 31.95
CA LYS B 390 -8.93 29.68 32.23
C LYS B 390 -8.86 30.28 33.64
#